data_5W8P
#
_entry.id   5W8P
#
_cell.length_a   197.920
_cell.length_b   197.920
_cell.length_c   51.300
_cell.angle_alpha   90.000
_cell.angle_beta   90.000
_cell.angle_gamma   120.000
#
_symmetry.space_group_name_H-M   'P 65'
#
loop_
_entity.id
_entity.type
_entity.pdbx_description
1 polymer 'Homoserine O-acetyltransferase'
2 non-polymer 'POTASSIUM ION'
3 non-polymer 'PHOSPHATE ION'
4 non-polymer GLYCEROL
5 water water
#
_entity_poly.entity_id   1
_entity_poly.type   'polypeptide(L)'
_entity_poly.pdbx_seq_one_letter_code
;GAMALPQGDEIAYVPIGSITLESGAVIDDVTIAVQSWGELSPRRDNVVFVCHALTADSHVVGPAGPDHITGGWWEGIIGP
GAAIDTDHWCAVATNVLGGCRGTTGPTSLARDGKPWGSRFPEVSVRDQVNADVAALAQLGITEVAAVVGGSMGGARALEW
AVMHPDAVRAALVLAVGARATGDQIGTQSTQIAAIQTDPDWQGGDYHGSGRSPGKGLNLARRIAHLTYRGEVELDTRFGN
DPQVGPDGPEDPWADGRYAVQSYLEHQGNKFVRRFDAGSYVILTESLNRHDVGRGRGGVEKALRGCPVPVVVGGITSDRL
YPLRLQEELADLLPGCTGLRVVESVHGHDAFLIEFDAVSELVRETLALAK
;
_entity_poly.pdbx_strand_id   A,B
#
# COMPACT_ATOMS: atom_id res chain seq x y z
N GLY A 1 33.44 26.07 27.74
CA GLY A 1 32.20 26.69 27.27
C GLY A 1 31.35 25.74 26.47
N ALA A 2 30.06 26.03 26.38
CA ALA A 2 29.18 25.21 25.58
C ALA A 2 29.52 25.37 24.10
N MET A 3 29.35 24.27 23.36
CA MET A 3 29.59 24.31 21.93
C MET A 3 28.71 25.36 21.27
N ALA A 4 29.27 26.09 20.31
CA ALA A 4 28.53 27.12 19.63
C ALA A 4 27.55 26.52 18.62
N LEU A 5 26.40 27.16 18.48
CA LEU A 5 25.47 26.75 17.45
C LEU A 5 26.02 27.10 16.07
N PRO A 6 25.82 26.25 15.08
CA PRO A 6 26.11 26.64 13.69
C PRO A 6 25.03 27.58 13.18
N GLN A 7 25.23 28.09 11.97
CA GLN A 7 24.24 28.95 11.36
C GLN A 7 24.00 28.58 9.90
N GLY A 8 22.74 28.59 9.49
CA GLY A 8 22.41 28.45 8.08
C GLY A 8 22.71 27.05 7.58
N ASP A 9 23.36 26.98 6.41
CA ASP A 9 23.69 25.68 5.80
C ASP A 9 24.74 24.90 6.58
N GLU A 10 25.45 25.54 7.50
CA GLU A 10 26.55 24.90 8.21
C GLU A 10 26.02 23.81 9.15
N ILE A 11 26.62 22.62 9.08
CA ILE A 11 26.28 21.53 9.99
C ILE A 11 27.33 21.46 11.09
N ALA A 12 26.87 21.40 12.33
CA ALA A 12 27.71 21.10 13.48
C ALA A 12 27.54 19.64 13.85
N TYR A 13 28.64 19.01 14.26
CA TYR A 13 28.64 17.60 14.66
C TYR A 13 28.90 17.57 16.15
N VAL A 14 27.85 17.31 16.93
CA VAL A 14 27.86 17.46 18.38
C VAL A 14 28.08 16.09 19.01
N PRO A 15 29.19 15.85 19.69
CA PRO A 15 29.37 14.58 20.40
C PRO A 15 28.56 14.57 21.68
N ILE A 16 27.88 13.45 21.94
CA ILE A 16 27.13 13.28 23.18
C ILE A 16 27.59 12.07 23.98
N GLY A 17 28.64 11.40 23.51
CA GLY A 17 29.13 10.23 24.21
C GLY A 17 28.36 8.98 23.85
N SER A 18 28.62 7.92 24.59
CA SER A 18 27.93 6.66 24.41
C SER A 18 26.54 6.75 25.04
N ILE A 19 25.57 6.11 24.41
CA ILE A 19 24.19 6.17 24.90
C ILE A 19 23.66 4.77 25.09
N THR A 20 22.85 4.59 26.13
CA THR A 20 22.13 3.35 26.37
C THR A 20 20.70 3.54 25.88
N LEU A 21 20.23 2.60 25.10
CA LEU A 21 18.92 2.73 24.47
C LEU A 21 17.84 2.16 25.37
N GLU A 22 16.58 2.43 24.98
CA GLU A 22 15.44 1.87 25.70
C GLU A 22 15.51 0.35 25.81
N SER A 23 16.06 -0.30 24.79
CA SER A 23 16.18 -1.75 24.78
C SER A 23 17.28 -2.27 25.69
N GLY A 24 18.15 -1.39 26.18
CA GLY A 24 19.34 -1.79 26.90
C GLY A 24 20.59 -1.87 26.06
N ALA A 25 20.45 -1.86 24.74
CA ALA A 25 21.60 -1.83 23.86
C ALA A 25 22.35 -0.50 23.99
N VAL A 26 23.61 -0.50 23.56
CA VAL A 26 24.50 0.65 23.64
C VAL A 26 24.96 1.04 22.24
N ILE A 27 24.99 2.33 21.97
CA ILE A 27 25.68 2.89 20.81
C ILE A 27 26.86 3.69 21.33
N ASP A 28 28.08 3.27 20.97
CA ASP A 28 29.27 4.03 21.35
C ASP A 28 29.38 5.33 20.55
N ASP A 29 29.90 6.36 21.21
CA ASP A 29 30.46 7.53 20.53
C ASP A 29 29.46 8.19 19.58
N VAL A 30 28.29 8.52 20.09
CA VAL A 30 27.24 9.09 19.24
C VAL A 30 27.55 10.54 18.92
N THR A 31 27.37 10.90 17.67
CA THR A 31 27.53 12.26 17.18
C THR A 31 26.23 12.70 16.51
N ILE A 32 25.73 13.87 16.87
CA ILE A 32 24.46 14.39 16.36
C ILE A 32 24.75 15.56 15.45
N ALA A 33 24.29 15.47 14.20
CA ALA A 33 24.38 16.59 13.26
C ALA A 33 23.29 17.62 13.54
N VAL A 34 23.66 18.89 13.59
CA VAL A 34 22.76 19.96 13.99
C VAL A 34 22.87 21.12 13.01
N GLN A 35 21.74 21.76 12.71
CA GLN A 35 21.70 23.05 12.05
C GLN A 35 20.84 24.01 12.85
N SER A 36 21.09 25.31 12.66
CA SER A 36 20.37 26.31 13.42
C SER A 36 20.24 27.60 12.61
N TRP A 37 19.16 28.33 12.88
CA TRP A 37 18.87 29.62 12.26
C TRP A 37 18.34 30.57 13.31
N GLY A 38 18.91 31.77 13.37
CA GLY A 38 18.44 32.77 14.31
C GLY A 38 19.25 32.75 15.61
N GLU A 39 19.12 33.84 16.37
CA GLU A 39 19.96 34.08 17.52
C GLU A 39 19.36 33.47 18.79
N LEU A 40 20.17 32.75 19.54
CA LEU A 40 19.77 32.24 20.84
C LEU A 40 19.72 33.39 21.84
N SER A 41 18.64 33.46 22.62
CA SER A 41 18.48 34.56 23.55
C SER A 41 19.42 34.41 24.75
N PRO A 42 19.65 35.50 25.49
CA PRO A 42 20.52 35.40 26.67
C PRO A 42 20.03 34.41 27.70
N ARG A 43 18.72 34.25 27.86
CA ARG A 43 18.18 33.24 28.74
C ARG A 43 18.16 31.85 28.09
N ARG A 44 18.53 31.75 26.82
CA ARG A 44 18.56 30.48 26.09
C ARG A 44 17.21 29.79 26.08
N ASP A 45 16.14 30.58 26.02
CA ASP A 45 14.78 30.07 26.22
C ASP A 45 13.90 30.25 24.99
N ASN A 46 14.49 30.50 23.81
CA ASN A 46 13.73 30.82 22.62
C ASN A 46 13.96 29.80 21.50
N VAL A 47 14.32 28.57 21.85
CA VAL A 47 14.59 27.54 20.84
C VAL A 47 13.28 26.94 20.34
N VAL A 48 13.17 26.84 19.02
CA VAL A 48 12.10 26.10 18.38
C VAL A 48 12.78 24.93 17.68
N PHE A 49 12.50 23.73 18.15
CA PHE A 49 13.16 22.53 17.65
C PHE A 49 12.27 21.91 16.58
N VAL A 50 12.85 21.67 15.41
CA VAL A 50 12.13 21.13 14.26
C VAL A 50 12.58 19.68 14.09
N CYS A 51 11.62 18.76 14.18
CA CYS A 51 11.85 17.33 14.04
C CYS A 51 11.54 16.91 12.62
N HIS A 52 12.53 16.41 11.90
CA HIS A 52 12.29 15.99 10.53
C HIS A 52 11.67 14.61 10.47
N ALA A 53 11.08 14.30 9.32
CA ALA A 53 10.39 13.03 9.08
C ALA A 53 11.34 11.99 8.47
N LEU A 54 10.78 10.85 8.02
CA LEU A 54 11.58 9.63 7.87
C LEU A 54 12.79 9.83 6.96
N THR A 55 12.60 10.43 5.79
CA THR A 55 13.70 10.52 4.83
C THR A 55 14.24 11.94 4.68
N ALA A 56 13.90 12.84 5.61
CA ALA A 56 14.42 14.20 5.60
C ALA A 56 15.65 14.28 6.49
N ASP A 57 16.16 15.49 6.73
CA ASP A 57 17.41 15.66 7.47
C ASP A 57 17.36 17.00 8.20
N SER A 58 18.51 17.48 8.65
CA SER A 58 18.59 18.72 9.43
C SER A 58 18.42 19.97 8.59
N HIS A 59 18.39 19.84 7.26
CA HIS A 59 18.42 20.98 6.35
C HIS A 59 16.98 21.42 6.08
N VAL A 60 16.40 22.15 7.02
CA VAL A 60 15.00 22.48 6.97
C VAL A 60 14.74 23.54 5.91
N VAL A 61 15.63 24.52 5.80
CA VAL A 61 15.55 25.53 4.76
C VAL A 61 16.94 25.71 4.17
N GLY A 62 16.97 26.28 2.98
CA GLY A 62 18.20 26.53 2.30
C GLY A 62 18.24 25.81 0.97
N PRO A 63 19.18 26.19 0.12
CA PRO A 63 19.29 25.54 -1.18
C PRO A 63 20.06 24.22 -1.07
N ALA A 64 19.84 23.36 -2.06
CA ALA A 64 20.84 22.35 -2.30
C ALA A 64 22.13 23.07 -2.64
N GLY A 65 23.24 22.44 -2.33
CA GLY A 65 24.52 23.05 -2.57
C GLY A 65 25.63 22.10 -2.21
N PRO A 66 26.86 22.59 -2.22
CA PRO A 66 28.01 21.69 -2.08
C PRO A 66 27.92 20.73 -0.92
N ASP A 67 27.26 21.11 0.17
CA ASP A 67 27.22 20.28 1.37
C ASP A 67 25.84 19.69 1.65
N HIS A 68 24.89 19.86 0.73
CA HIS A 68 23.51 19.44 0.96
C HIS A 68 22.98 18.82 -0.33
N ILE A 69 22.88 17.50 -0.34
CA ILE A 69 22.46 16.80 -1.54
C ILE A 69 21.00 17.11 -1.87
N THR A 70 20.19 17.45 -0.86
CA THR A 70 18.83 17.93 -1.06
C THR A 70 18.69 19.34 -0.49
N GLY A 71 17.80 20.11 -1.09
CA GLY A 71 17.47 21.42 -0.59
C GLY A 71 16.57 21.34 0.63
N GLY A 72 16.27 22.51 1.19
CA GLY A 72 15.42 22.57 2.37
C GLY A 72 14.08 21.90 2.20
N TRP A 73 13.68 21.07 3.16
CA TRP A 73 12.45 20.32 3.02
C TRP A 73 11.21 21.08 3.50
N TRP A 74 11.38 22.20 4.21
CA TRP A 74 10.29 23.07 4.64
C TRP A 74 10.61 24.52 4.27
N GLU A 75 10.95 24.72 3.00
CA GLU A 75 11.42 26.03 2.57
C GLU A 75 10.39 27.10 2.89
N GLY A 76 10.87 28.23 3.42
CA GLY A 76 10.04 29.36 3.76
C GLY A 76 9.47 29.35 5.17
N ILE A 77 9.62 28.25 5.91
CA ILE A 77 9.03 28.18 7.25
C ILE A 77 9.90 28.91 8.26
N ILE A 78 11.22 28.98 8.01
CA ILE A 78 12.18 29.60 8.92
C ILE A 78 12.77 30.81 8.22
N GLY A 79 12.79 31.95 8.91
CA GLY A 79 13.39 33.14 8.38
C GLY A 79 12.84 34.39 9.03
N PRO A 80 13.40 35.54 8.66
CA PRO A 80 12.89 36.81 9.20
C PRO A 80 11.46 37.02 8.74
N GLY A 81 10.57 37.18 9.72
CA GLY A 81 9.17 37.36 9.43
C GLY A 81 8.42 36.09 9.07
N ALA A 82 9.09 34.95 9.01
CA ALA A 82 8.43 33.71 8.63
C ALA A 82 7.68 33.14 9.83
N ALA A 83 7.06 31.96 9.63
CA ALA A 83 6.29 31.34 10.70
C ALA A 83 7.17 31.08 11.91
N ILE A 84 8.36 30.53 11.70
CA ILE A 84 9.39 30.47 12.73
C ILE A 84 10.26 31.69 12.48
N ASP A 85 9.88 32.80 13.12
CA ASP A 85 10.48 34.12 12.88
C ASP A 85 11.82 34.22 13.60
N THR A 86 12.91 34.18 12.84
CA THR A 86 14.24 34.17 13.42
C THR A 86 14.64 35.51 14.03
N ASP A 87 13.81 36.54 13.89
CA ASP A 87 14.00 37.75 14.67
C ASP A 87 13.71 37.55 16.15
N HIS A 88 13.03 36.46 16.51
CA HIS A 88 12.62 36.24 17.90
C HIS A 88 13.01 34.85 18.37
N TRP A 89 12.99 33.89 17.45
CA TRP A 89 13.22 32.49 17.78
C TRP A 89 14.54 31.99 17.21
N CYS A 90 15.08 30.98 17.88
CA CYS A 90 16.27 30.25 17.47
C CYS A 90 15.82 28.86 16.99
N ALA A 91 15.80 28.66 15.69
CA ALA A 91 15.36 27.37 15.16
C ALA A 91 16.54 26.41 15.17
N VAL A 92 16.29 25.19 15.62
CA VAL A 92 17.30 24.17 15.68
C VAL A 92 16.72 22.88 15.13
N ALA A 93 17.51 22.17 14.34
CA ALA A 93 17.11 20.86 13.81
C ALA A 93 18.30 19.93 13.84
N THR A 94 18.05 18.67 14.18
CA THR A 94 19.06 17.63 14.11
C THR A 94 18.76 16.70 12.94
N ASN A 95 19.75 15.88 12.59
CA ASN A 95 19.52 14.63 11.90
C ASN A 95 19.26 13.55 12.95
N VAL A 96 18.19 12.78 12.75
CA VAL A 96 17.73 11.84 13.77
C VAL A 96 18.74 10.72 13.98
N LEU A 97 18.78 10.21 15.21
CA LEU A 97 19.56 9.03 15.54
C LEU A 97 19.13 7.85 14.67
N GLY A 98 20.11 7.22 14.02
CA GLY A 98 19.86 6.18 13.05
C GLY A 98 19.82 6.67 11.62
N GLY A 99 19.93 7.98 11.42
CA GLY A 99 19.88 8.57 10.10
C GLY A 99 21.18 8.37 9.34
N CYS A 100 21.23 9.00 8.16
CA CYS A 100 22.36 8.84 7.25
C CYS A 100 22.79 10.17 6.65
N ARG A 101 22.47 11.28 7.30
CA ARG A 101 22.85 12.60 6.83
C ARG A 101 23.63 13.38 7.89
N GLY A 102 24.49 12.68 8.63
CA GLY A 102 25.42 13.33 9.53
C GLY A 102 25.42 12.77 10.94
N THR A 103 24.27 12.30 11.40
CA THR A 103 24.15 11.73 12.73
C THR A 103 24.51 10.25 12.70
N THR A 104 25.06 9.76 13.79
CA THR A 104 25.40 8.34 13.92
C THR A 104 24.24 7.45 13.49
N GLY A 105 24.54 6.54 12.58
CA GLY A 105 23.60 5.57 12.09
C GLY A 105 24.35 4.39 11.54
N PRO A 106 23.65 3.48 10.88
CA PRO A 106 24.30 2.23 10.45
C PRO A 106 25.44 2.44 9.46
N THR A 107 25.50 3.56 8.75
CA THR A 107 26.63 3.79 7.85
C THR A 107 27.86 4.33 8.58
N SER A 108 27.69 4.80 9.82
CA SER A 108 28.81 5.37 10.55
C SER A 108 29.81 4.29 10.90
N LEU A 109 31.08 4.68 10.99
CA LEU A 109 32.11 3.71 11.34
C LEU A 109 32.09 3.45 12.84
N ALA A 110 32.10 2.17 13.21
CA ALA A 110 32.19 1.78 14.61
C ALA A 110 33.64 1.72 15.07
N ARG A 111 33.87 1.32 16.32
CA ARG A 111 35.22 1.36 16.88
C ARG A 111 36.16 0.37 16.23
N ASP A 112 35.64 -0.66 15.55
CA ASP A 112 36.48 -1.57 14.78
C ASP A 112 36.77 -1.06 13.37
N GLY A 113 36.41 0.18 13.07
CA GLY A 113 36.72 0.79 11.80
C GLY A 113 35.86 0.36 10.64
N LYS A 114 34.85 -0.51 10.87
CA LYS A 114 33.89 -0.89 9.85
C LYS A 114 32.53 -0.24 10.14
N PRO A 115 31.69 -0.01 9.12
CA PRO A 115 30.36 0.53 9.40
C PRO A 115 29.61 -0.32 10.42
N TRP A 116 28.81 0.35 11.25
CA TRP A 116 27.94 -0.35 12.18
C TRP A 116 27.16 -1.45 11.46
N GLY A 117 26.51 -1.10 10.37
CA GLY A 117 25.79 -2.09 9.57
C GLY A 117 24.86 -2.92 10.42
N SER A 118 24.99 -4.24 10.31
CA SER A 118 24.13 -5.17 11.05
C SER A 118 24.30 -5.08 12.56
N ARG A 119 25.37 -4.45 13.04
CA ARG A 119 25.56 -4.28 14.47
C ARG A 119 24.82 -3.07 15.03
N PHE A 120 24.23 -2.23 14.18
CA PHE A 120 23.58 -1.05 14.68
C PHE A 120 22.31 -1.48 15.42
N PRO A 121 22.15 -1.11 16.68
CA PRO A 121 20.98 -1.55 17.44
C PRO A 121 19.73 -0.75 17.05
N GLU A 122 18.60 -1.44 17.07
CA GLU A 122 17.33 -0.78 16.83
C GLU A 122 17.06 0.28 17.89
N VAL A 123 16.52 1.40 17.43
CA VAL A 123 16.19 2.54 18.27
C VAL A 123 14.69 2.77 18.23
N SER A 124 14.20 3.44 19.27
CA SER A 124 12.81 3.86 19.36
C SER A 124 12.74 5.37 19.20
N VAL A 125 11.52 5.87 19.07
CA VAL A 125 11.32 7.33 19.01
C VAL A 125 11.82 7.97 20.29
N ARG A 126 11.64 7.30 21.43
CA ARG A 126 12.09 7.88 22.68
C ARG A 126 13.61 8.01 22.72
N ASP A 127 14.33 7.00 22.18
CA ASP A 127 15.77 7.11 22.05
C ASP A 127 16.15 8.32 21.22
N GLN A 128 15.39 8.57 20.15
CA GLN A 128 15.72 9.66 19.24
C GLN A 128 15.51 11.00 19.94
N VAL A 129 14.45 11.13 20.74
CA VAL A 129 14.26 12.34 21.53
C VAL A 129 15.40 12.51 22.52
N ASN A 130 15.76 11.44 23.25
CA ASN A 130 16.81 11.55 24.25
C ASN A 130 18.13 12.01 23.63
N ALA A 131 18.43 11.55 22.41
CA ALA A 131 19.67 11.95 21.76
C ALA A 131 19.63 13.43 21.38
N ASP A 132 18.48 13.91 20.87
CA ASP A 132 18.35 15.33 20.56
C ASP A 132 18.45 16.19 21.82
N VAL A 133 17.82 15.75 22.90
CA VAL A 133 17.91 16.50 24.15
C VAL A 133 19.36 16.55 24.64
N ALA A 134 20.09 15.44 24.49
CA ALA A 134 21.49 15.39 24.92
C ALA A 134 22.35 16.33 24.07
N ALA A 135 22.07 16.41 22.78
CA ALA A 135 22.83 17.33 21.93
C ALA A 135 22.55 18.78 22.30
N LEU A 136 21.27 19.11 22.53
CA LEU A 136 20.94 20.45 22.97
C LEU A 136 21.68 20.81 24.25
N ALA A 137 21.78 19.86 25.19
CA ALA A 137 22.48 20.14 26.44
C ALA A 137 23.95 20.43 26.20
N GLN A 138 24.58 19.74 25.23
CA GLN A 138 25.96 20.04 24.90
C GLN A 138 26.11 21.42 24.26
N LEU A 139 25.05 21.94 23.65
CA LEU A 139 25.02 23.29 23.11
C LEU A 139 24.56 24.32 24.15
N GLY A 140 24.47 23.92 25.41
CA GLY A 140 24.05 24.81 26.48
C GLY A 140 22.56 25.06 26.59
N ILE A 141 21.73 24.21 25.99
CA ILE A 141 20.29 24.43 25.89
C ILE A 141 19.57 23.33 26.67
N THR A 142 18.76 23.71 27.66
CA THR A 142 18.13 22.72 28.53
C THR A 142 16.61 22.75 28.45
N GLU A 143 16.06 23.56 27.56
CA GLU A 143 14.63 23.64 27.38
C GLU A 143 14.39 24.17 25.97
N VAL A 144 13.17 23.95 25.47
CA VAL A 144 12.78 24.49 24.18
C VAL A 144 11.47 25.24 24.37
N ALA A 145 11.34 26.35 23.66
CA ALA A 145 10.06 27.04 23.61
C ALA A 145 9.01 26.19 22.92
N ALA A 146 9.37 25.57 21.80
CA ALA A 146 8.41 24.73 21.09
C ALA A 146 9.15 23.61 20.38
N VAL A 147 8.45 22.50 20.18
CA VAL A 147 8.92 21.40 19.35
C VAL A 147 7.86 21.14 18.29
N VAL A 148 8.27 21.06 17.02
CA VAL A 148 7.32 20.95 15.92
C VAL A 148 7.75 19.83 14.99
N GLY A 149 6.79 19.11 14.44
CA GLY A 149 7.12 18.13 13.41
C GLY A 149 5.88 17.54 12.79
N GLY A 150 6.06 17.03 11.58
CA GLY A 150 5.04 16.27 10.90
C GLY A 150 5.53 14.87 10.61
N SER A 151 4.59 13.94 10.51
CA SER A 151 4.88 12.54 10.16
C SER A 151 5.78 11.95 11.25
N MET A 152 6.85 11.23 10.92
CA MET A 152 7.78 10.76 11.93
C MET A 152 8.25 11.92 12.82
N GLY A 153 8.34 13.12 12.25
CA GLY A 153 8.67 14.27 13.06
C GLY A 153 7.60 14.58 14.08
N GLY A 154 6.34 14.31 13.74
CA GLY A 154 5.28 14.49 14.71
C GLY A 154 5.36 13.48 15.84
N ALA A 155 5.80 12.26 15.55
CA ALA A 155 5.97 11.29 16.63
C ALA A 155 7.05 11.74 17.59
N ARG A 156 8.16 12.26 17.06
CA ARG A 156 9.22 12.78 17.89
C ARG A 156 8.72 13.95 18.72
N ALA A 157 7.98 14.87 18.11
CA ALA A 157 7.50 16.03 18.85
C ALA A 157 6.52 15.63 19.96
N LEU A 158 5.63 14.68 19.65
CA LEU A 158 4.68 14.21 20.64
C LEU A 158 5.38 13.53 21.81
N GLU A 159 6.35 12.65 21.53
CA GLU A 159 7.07 12.01 22.62
C GLU A 159 7.85 13.02 23.44
N TRP A 160 8.45 14.00 22.77
CA TRP A 160 9.21 15.02 23.49
C TRP A 160 8.32 15.76 24.46
N ALA A 161 7.12 16.13 24.02
CA ALA A 161 6.18 16.85 24.87
C ALA A 161 5.75 15.99 26.05
N VAL A 162 5.52 14.68 25.81
CA VAL A 162 5.10 13.81 26.89
C VAL A 162 6.25 13.51 27.85
N MET A 163 7.47 13.37 27.31
CA MET A 163 8.62 13.02 28.13
C MET A 163 9.16 14.19 28.93
N HIS A 164 9.08 15.41 28.41
CA HIS A 164 9.74 16.57 29.01
C HIS A 164 8.76 17.73 29.09
N PRO A 165 7.60 17.53 29.72
CA PRO A 165 6.61 18.61 29.77
C PRO A 165 7.13 19.83 30.52
N ASP A 166 8.10 19.66 31.42
CA ASP A 166 8.68 20.78 32.16
C ASP A 166 9.63 21.61 31.32
N ALA A 167 10.03 21.12 30.15
CA ALA A 167 11.08 21.74 29.35
C ALA A 167 10.61 22.03 27.93
N VAL A 168 9.30 22.08 27.72
CA VAL A 168 8.65 22.40 26.45
C VAL A 168 7.47 23.30 26.73
N ARG A 169 7.37 24.44 26.05
CA ARG A 169 6.22 25.32 26.27
C ARG A 169 5.10 25.14 25.26
N ALA A 170 5.34 24.49 24.13
CA ALA A 170 4.27 24.22 23.17
C ALA A 170 4.76 23.19 22.18
N ALA A 171 3.83 22.50 21.52
CA ALA A 171 4.20 21.53 20.50
C ALA A 171 3.22 21.59 19.33
N LEU A 172 3.75 21.31 18.15
CA LEU A 172 2.96 21.07 16.95
C LEU A 172 3.12 19.60 16.58
N VAL A 173 2.00 18.89 16.53
CA VAL A 173 1.98 17.47 16.20
C VAL A 173 1.10 17.34 14.98
N LEU A 174 1.71 17.05 13.83
CA LEU A 174 1.02 17.12 12.55
C LEU A 174 1.12 15.77 11.86
N ALA A 175 -0.04 15.25 11.44
CA ALA A 175 -0.10 14.09 10.55
C ALA A 175 0.65 12.90 11.15
N VAL A 176 0.28 12.54 12.37
CA VAL A 176 0.81 11.36 13.03
C VAL A 176 -0.26 10.86 14.00
N GLY A 177 -0.05 9.67 14.55
CA GLY A 177 -0.90 9.16 15.60
C GLY A 177 -0.16 8.95 16.91
N ALA A 178 -0.92 8.54 17.92
CA ALA A 178 -0.37 8.33 19.27
C ALA A 178 0.50 7.07 19.33
N ARG A 179 0.23 6.11 18.47
CA ARG A 179 1.04 4.91 18.38
C ARG A 179 1.00 4.39 16.95
N ALA A 180 1.95 3.54 16.63
CA ALA A 180 1.91 2.84 15.35
C ALA A 180 0.61 2.04 15.23
N THR A 181 0.02 2.06 14.04
CA THR A 181 -1.20 1.31 13.77
C THR A 181 -0.90 0.00 13.06
N GLY A 182 -1.93 -0.86 13.00
CA GLY A 182 -1.80 -2.11 12.27
C GLY A 182 -1.42 -1.91 10.82
N ASP A 183 -2.11 -0.99 10.12
CA ASP A 183 -1.80 -0.76 8.71
C ASP A 183 -0.40 -0.19 8.55
N GLN A 184 0.03 0.69 9.47
CA GLN A 184 1.37 1.27 9.36
C GLN A 184 2.44 0.20 9.53
N ILE A 185 2.32 -0.62 10.56
CA ILE A 185 3.30 -1.68 10.77
C ILE A 185 3.26 -2.65 9.59
N GLY A 186 2.07 -2.92 9.08
CA GLY A 186 1.93 -3.74 7.89
C GLY A 186 2.75 -3.24 6.72
N THR A 187 2.54 -1.99 6.31
CA THR A 187 3.27 -1.50 5.13
C THR A 187 4.75 -1.31 5.46
N GLN A 188 5.05 -0.84 6.67
CA GLN A 188 6.45 -0.61 7.06
C GLN A 188 7.23 -1.93 7.15
N SER A 189 6.62 -2.98 7.69
CA SER A 189 7.31 -4.27 7.73
C SER A 189 7.51 -4.84 6.34
N THR A 190 6.58 -4.57 5.41
CA THR A 190 6.75 -5.01 4.03
C THR A 190 7.86 -4.24 3.33
N GLN A 191 7.97 -2.94 3.60
CA GLN A 191 9.08 -2.17 3.06
C GLN A 191 10.42 -2.70 3.57
N ILE A 192 10.50 -3.00 4.86
CA ILE A 192 11.71 -3.59 5.42
C ILE A 192 12.01 -4.93 4.73
N ALA A 193 10.98 -5.75 4.50
CA ALA A 193 11.18 -7.02 3.85
C ALA A 193 11.71 -6.86 2.43
N ALA A 194 11.25 -5.83 1.71
CA ALA A 194 11.74 -5.58 0.36
C ALA A 194 13.23 -5.36 0.36
N ILE A 195 13.74 -4.70 1.39
CA ILE A 195 15.17 -4.44 1.49
C ILE A 195 15.90 -5.68 1.95
N GLN A 196 15.40 -6.33 2.99
CA GLN A 196 16.14 -7.42 3.60
C GLN A 196 16.13 -8.68 2.77
N THR A 197 15.19 -8.83 1.84
CA THR A 197 15.18 -9.99 0.97
C THR A 197 15.93 -9.73 -0.33
N ASP A 198 16.40 -8.50 -0.54
CA ASP A 198 17.25 -8.20 -1.68
C ASP A 198 18.52 -9.06 -1.61
N PRO A 199 18.92 -9.72 -2.70
CA PRO A 199 20.09 -10.62 -2.63
C PRO A 199 21.38 -9.93 -2.22
N ASP A 200 21.45 -8.60 -2.30
CA ASP A 200 22.68 -7.89 -1.95
C ASP A 200 22.59 -7.18 -0.61
N TRP A 201 21.57 -7.47 0.19
CA TRP A 201 21.47 -6.91 1.54
C TRP A 201 22.60 -7.39 2.43
N GLN A 202 23.01 -8.66 2.26
CA GLN A 202 24.17 -9.20 2.96
C GLN A 202 24.07 -9.00 4.47
N GLY A 203 22.87 -9.24 5.00
CA GLY A 203 22.60 -9.04 6.42
C GLY A 203 22.65 -7.62 6.90
N GLY A 204 22.79 -6.66 6.00
CA GLY A 204 23.01 -5.27 6.35
C GLY A 204 24.44 -4.84 6.27
N ASP A 205 25.36 -5.76 5.98
CA ASP A 205 26.79 -5.45 5.90
C ASP A 205 27.26 -5.46 4.45
N TYR A 206 26.62 -4.65 3.62
CA TYR A 206 26.89 -4.59 2.20
C TYR A 206 27.96 -3.57 1.85
N HIS A 207 28.33 -2.71 2.80
CA HIS A 207 29.25 -1.62 2.48
C HIS A 207 30.61 -2.17 2.07
N GLY A 208 31.15 -1.59 1.01
CA GLY A 208 32.46 -1.97 0.54
C GLY A 208 32.50 -3.29 -0.19
N SER A 209 31.34 -3.88 -0.48
CA SER A 209 31.31 -5.19 -1.10
C SER A 209 31.22 -5.14 -2.61
N GLY A 210 30.89 -3.97 -3.17
CA GLY A 210 30.61 -3.86 -4.58
C GLY A 210 29.17 -4.14 -4.93
N ARG A 211 28.38 -4.62 -3.98
CA ARG A 211 26.96 -4.90 -4.16
C ARG A 211 26.20 -4.16 -3.07
N SER A 212 25.01 -3.66 -3.41
CA SER A 212 24.17 -2.97 -2.44
C SER A 212 22.71 -3.25 -2.76
N PRO A 213 21.83 -3.20 -1.76
CA PRO A 213 20.41 -3.53 -1.97
C PRO A 213 19.59 -2.40 -2.58
N GLY A 214 20.12 -1.76 -3.62
CA GLY A 214 19.40 -0.63 -4.22
C GLY A 214 18.05 -1.01 -4.79
N LYS A 215 17.95 -2.17 -5.42
CA LYS A 215 16.67 -2.56 -5.99
C LYS A 215 15.61 -2.69 -4.91
N GLY A 216 15.95 -3.30 -3.78
CA GLY A 216 15.00 -3.45 -2.69
C GLY A 216 14.63 -2.12 -2.06
N LEU A 217 15.61 -1.23 -1.89
CA LEU A 217 15.32 0.10 -1.36
C LEU A 217 14.43 0.90 -2.31
N ASN A 218 14.67 0.74 -3.61
CA ASN A 218 13.82 1.38 -4.61
C ASN A 218 12.37 0.91 -4.46
N LEU A 219 12.16 -0.41 -4.35
CA LEU A 219 10.82 -0.94 -4.14
C LEU A 219 10.20 -0.43 -2.85
N ALA A 220 10.96 -0.44 -1.76
CA ALA A 220 10.45 0.05 -0.48
C ALA A 220 9.98 1.49 -0.60
N ARG A 221 10.75 2.32 -1.29
CA ARG A 221 10.38 3.72 -1.47
C ARG A 221 9.12 3.85 -2.31
N ARG A 222 8.94 2.99 -3.33
CA ARG A 222 7.74 3.07 -4.13
C ARG A 222 6.51 2.70 -3.31
N ILE A 223 6.64 1.66 -2.48
CA ILE A 223 5.55 1.28 -1.60
C ILE A 223 5.19 2.45 -0.69
N ALA A 224 6.21 3.06 -0.07
CA ALA A 224 5.95 4.17 0.84
C ALA A 224 5.35 5.35 0.10
N HIS A 225 5.83 5.63 -1.11
CA HIS A 225 5.38 6.83 -1.80
C HIS A 225 3.89 6.76 -2.07
N LEU A 226 3.39 5.57 -2.42
CA LEU A 226 1.96 5.42 -2.59
C LEU A 226 1.21 5.73 -1.29
N THR A 227 1.73 5.28 -0.15
CA THR A 227 1.05 5.59 1.12
C THR A 227 1.07 7.08 1.42
N TYR A 228 2.00 7.83 0.85
CA TYR A 228 2.14 9.25 1.14
C TYR A 228 1.23 10.13 0.30
N ARG A 229 0.63 9.62 -0.76
CA ARG A 229 -0.17 10.44 -1.65
C ARG A 229 -1.66 10.14 -1.50
N GLY A 230 -2.47 11.00 -2.12
CA GLY A 230 -3.90 10.84 -2.09
C GLY A 230 -4.39 9.97 -3.23
N GLU A 231 -5.45 9.20 -2.97
CA GLU A 231 -5.99 8.31 -3.99
C GLU A 231 -6.56 9.10 -5.17
N VAL A 232 -7.37 10.11 -4.90
CA VAL A 232 -7.97 10.87 -5.98
C VAL A 232 -6.89 11.62 -6.74
N GLU A 233 -5.92 12.21 -6.02
CA GLU A 233 -4.80 12.91 -6.64
C GLU A 233 -4.13 12.05 -7.71
N LEU A 234 -3.86 10.79 -7.38
CA LEU A 234 -3.14 9.95 -8.31
C LEU A 234 -3.97 9.67 -9.55
N ASP A 235 -5.29 9.56 -9.39
CA ASP A 235 -6.12 9.29 -10.54
C ASP A 235 -6.32 10.52 -11.42
N THR A 236 -6.35 11.72 -10.82
CA THR A 236 -6.51 12.93 -11.63
C THR A 236 -5.20 13.32 -12.30
N ARG A 237 -4.07 13.10 -11.64
CA ARG A 237 -2.79 13.45 -12.22
C ARG A 237 -2.38 12.47 -13.30
N PHE A 238 -2.50 11.17 -13.03
CA PHE A 238 -1.99 10.14 -13.93
C PHE A 238 -3.08 9.29 -14.54
N GLY A 239 -4.10 8.93 -13.76
CA GLY A 239 -5.09 7.98 -14.21
C GLY A 239 -4.42 6.76 -14.79
N ASN A 240 -4.94 6.28 -15.93
CA ASN A 240 -4.33 5.18 -16.63
C ASN A 240 -3.59 5.65 -17.89
N ASP A 241 -3.17 6.91 -17.90
CA ASP A 241 -2.43 7.44 -19.04
C ASP A 241 -1.11 6.71 -19.20
N PRO A 242 -0.66 6.52 -20.44
CA PRO A 242 0.73 6.10 -20.68
C PRO A 242 1.73 7.21 -20.40
N GLN A 243 2.95 6.78 -20.11
CA GLN A 243 4.05 7.72 -19.96
C GLN A 243 4.37 8.37 -21.30
N VAL A 244 4.67 9.67 -21.27
CA VAL A 244 5.06 10.42 -22.45
C VAL A 244 6.48 10.90 -22.24
N GLY A 245 7.39 10.49 -23.12
CA GLY A 245 8.75 10.96 -23.10
C GLY A 245 9.08 11.87 -24.25
N PRO A 246 10.35 12.30 -24.34
CA PRO A 246 10.74 13.21 -25.44
C PRO A 246 10.32 12.72 -26.81
N ASP A 247 10.27 11.41 -27.03
CA ASP A 247 9.97 10.84 -28.34
C ASP A 247 8.51 10.42 -28.50
N GLY A 248 7.64 10.76 -27.54
CA GLY A 248 6.23 10.45 -27.66
C GLY A 248 5.74 9.50 -26.58
N PRO A 249 4.50 9.02 -26.72
CA PRO A 249 3.93 8.14 -25.70
C PRO A 249 4.53 6.74 -25.74
N GLU A 250 4.72 6.16 -24.56
CA GLU A 250 5.08 4.76 -24.46
C GLU A 250 3.83 3.89 -24.64
N ASP A 251 4.05 2.60 -24.88
CA ASP A 251 2.98 1.66 -25.19
C ASP A 251 2.92 0.54 -24.16
N PRO A 252 2.02 0.61 -23.16
CA PRO A 252 1.93 -0.48 -22.17
C PRO A 252 1.44 -1.81 -22.73
N TRP A 253 0.92 -1.87 -23.95
CA TRP A 253 0.60 -3.16 -24.55
C TRP A 253 1.87 -3.92 -24.94
N ALA A 254 3.00 -3.23 -25.02
CA ALA A 254 4.29 -3.86 -25.33
C ALA A 254 5.21 -3.69 -24.13
N ASP A 255 6.23 -2.86 -24.25
CA ASP A 255 7.21 -2.67 -23.16
C ASP A 255 7.08 -1.32 -22.47
N GLY A 256 6.06 -0.54 -22.80
CA GLY A 256 5.96 0.80 -22.28
C GLY A 256 5.37 0.85 -20.89
N ARG A 257 5.52 1.99 -20.26
CA ARG A 257 5.09 2.20 -18.89
C ARG A 257 3.87 3.12 -18.83
N TYR A 258 3.09 2.93 -17.77
CA TYR A 258 2.07 3.91 -17.42
C TYR A 258 2.72 5.12 -16.77
N ALA A 259 2.01 6.25 -16.84
CA ALA A 259 2.56 7.48 -16.28
C ALA A 259 2.80 7.36 -14.78
N VAL A 260 1.86 6.76 -14.04
CA VAL A 260 2.06 6.63 -12.60
C VAL A 260 3.20 5.67 -12.30
N GLN A 261 3.39 4.68 -13.16
CA GLN A 261 4.48 3.73 -12.97
C GLN A 261 5.83 4.39 -13.19
N SER A 262 5.94 5.17 -14.25
CA SER A 262 7.15 5.94 -14.50
C SER A 262 7.46 6.92 -13.38
N TYR A 263 6.42 7.58 -12.86
CA TYR A 263 6.58 8.47 -11.71
C TYR A 263 7.17 7.75 -10.51
N LEU A 264 6.59 6.61 -10.14
CA LEU A 264 7.11 5.85 -9.00
C LEU A 264 8.54 5.38 -9.25
N GLU A 265 8.82 4.89 -10.46
CA GLU A 265 10.16 4.40 -10.76
C GLU A 265 11.16 5.53 -10.62
N HIS A 266 10.82 6.70 -11.13
CA HIS A 266 11.74 7.83 -11.06
C HIS A 266 11.96 8.28 -9.61
N GLN A 267 10.89 8.32 -8.81
CA GLN A 267 11.04 8.63 -7.38
C GLN A 267 11.99 7.63 -6.72
N GLY A 268 11.80 6.34 -6.98
CA GLY A 268 12.69 5.34 -6.39
C GLY A 268 14.13 5.52 -6.84
N ASN A 269 14.33 5.77 -8.13
CA ASN A 269 15.69 5.90 -8.67
C ASN A 269 16.43 7.07 -8.03
N LYS A 270 15.77 8.22 -7.92
CA LYS A 270 16.40 9.40 -7.30
C LYS A 270 16.72 9.13 -5.84
N PHE A 271 15.78 8.48 -5.15
CA PHE A 271 15.91 8.26 -3.71
C PHE A 271 17.11 7.39 -3.38
N VAL A 272 17.32 6.31 -4.13
CA VAL A 272 18.38 5.39 -3.80
C VAL A 272 19.75 6.04 -3.93
N ARG A 273 19.86 7.09 -4.73
CA ARG A 273 21.13 7.78 -4.88
C ARG A 273 21.47 8.67 -3.69
N ARG A 274 20.52 8.93 -2.79
CA ARG A 274 20.77 9.85 -1.70
C ARG A 274 20.27 9.36 -0.35
N PHE A 275 20.10 8.05 -0.19
CA PHE A 275 19.68 7.50 1.09
C PHE A 275 20.23 6.09 1.23
N ASP A 276 20.47 5.68 2.47
CA ASP A 276 21.06 4.39 2.78
C ASP A 276 19.98 3.39 3.19
N ALA A 277 20.10 2.17 2.65
CA ALA A 277 19.12 1.12 2.91
C ALA A 277 19.07 0.72 4.38
N GLY A 278 20.22 0.53 5.02
CA GLY A 278 20.22 0.15 6.43
C GLY A 278 19.61 1.23 7.31
N SER A 279 19.89 2.49 6.99
CA SER A 279 19.28 3.59 7.72
C SER A 279 17.76 3.58 7.54
N TYR A 280 17.30 3.33 6.32
CA TYR A 280 15.87 3.23 6.07
C TYR A 280 15.25 2.15 6.94
N VAL A 281 15.91 0.99 7.06
CA VAL A 281 15.37 -0.07 7.89
C VAL A 281 15.33 0.36 9.36
N ILE A 282 16.42 0.96 9.87
CA ILE A 282 16.45 1.36 11.28
C ILE A 282 15.37 2.39 11.56
N LEU A 283 15.24 3.39 10.69
CA LEU A 283 14.27 4.45 10.95
C LEU A 283 12.85 3.94 10.82
N THR A 284 12.60 3.05 9.86
CA THR A 284 11.27 2.44 9.72
C THR A 284 10.93 1.60 10.94
N GLU A 285 11.89 0.85 11.48
CA GLU A 285 11.62 0.08 12.68
C GLU A 285 11.35 1.00 13.87
N SER A 286 11.98 2.18 13.92
CA SER A 286 11.67 3.11 15.00
C SER A 286 10.21 3.55 14.94
N LEU A 287 9.67 3.71 13.72
CA LEU A 287 8.24 4.01 13.59
C LEU A 287 7.37 2.85 14.04
N ASN A 288 7.75 1.61 13.72
CA ASN A 288 7.02 0.46 14.22
C ASN A 288 6.92 0.48 15.74
N ARG A 289 7.93 1.04 16.40
CA ARG A 289 8.03 1.06 17.86
C ARG A 289 7.40 2.30 18.49
N HIS A 290 6.77 3.14 17.70
CA HIS A 290 6.15 4.35 18.22
C HIS A 290 4.92 3.97 19.04
N ASP A 291 4.89 4.41 20.30
CA ASP A 291 3.75 4.14 21.17
C ASP A 291 3.85 5.00 22.42
N VAL A 292 3.11 6.11 22.43
CA VAL A 292 3.22 7.06 23.54
C VAL A 292 2.71 6.47 24.83
N GLY A 293 1.97 5.36 24.76
CA GLY A 293 1.41 4.72 25.95
C GLY A 293 2.30 3.72 26.65
N ARG A 294 3.36 3.27 25.98
CA ARG A 294 4.19 2.19 26.52
C ARG A 294 4.84 2.61 27.84
N GLY A 295 4.69 1.78 28.86
CA GLY A 295 5.25 2.06 30.17
C GLY A 295 4.54 3.16 30.91
N ARG A 296 3.45 3.69 30.38
CA ARG A 296 2.75 4.84 30.95
C ARG A 296 1.28 4.56 31.21
N GLY A 297 0.86 3.30 31.14
CA GLY A 297 -0.52 2.93 31.36
C GLY A 297 -1.41 3.04 30.14
N GLY A 298 -0.83 3.13 28.96
CA GLY A 298 -1.60 3.20 27.74
C GLY A 298 -1.70 4.60 27.18
N VAL A 299 -2.16 4.65 25.93
CA VAL A 299 -2.21 5.91 25.20
C VAL A 299 -3.09 6.92 25.92
N GLU A 300 -4.26 6.50 26.38
CA GLU A 300 -5.18 7.49 26.95
C GLU A 300 -4.61 8.10 28.22
N LYS A 301 -4.05 7.28 29.11
CA LYS A 301 -3.46 7.80 30.33
C LYS A 301 -2.30 8.74 30.02
N ALA A 302 -1.43 8.34 29.08
CA ALA A 302 -0.27 9.16 28.76
C ALA A 302 -0.67 10.51 28.18
N LEU A 303 -1.63 10.52 27.26
CA LEU A 303 -2.04 11.77 26.63
C LEU A 303 -2.81 12.65 27.59
N ARG A 304 -3.73 12.07 28.37
CA ARG A 304 -4.50 12.89 29.30
C ARG A 304 -3.61 13.52 30.36
N GLY A 305 -2.48 12.89 30.67
CA GLY A 305 -1.55 13.40 31.65
C GLY A 305 -0.53 14.39 31.15
N CYS A 306 -0.58 14.77 29.88
CA CYS A 306 0.42 15.69 29.32
C CYS A 306 -0.11 17.11 29.40
N PRO A 307 0.55 18.01 30.13
CA PRO A 307 0.05 19.38 30.29
C PRO A 307 0.54 20.38 29.25
N VAL A 308 1.21 19.96 28.19
CA VAL A 308 1.78 20.87 27.21
C VAL A 308 0.68 21.37 26.27
N PRO A 309 0.61 22.66 25.96
CA PRO A 309 -0.33 23.10 24.94
C PRO A 309 0.14 22.62 23.56
N VAL A 310 -0.79 22.03 22.80
CA VAL A 310 -0.44 21.33 21.56
C VAL A 310 -1.41 21.75 20.47
N VAL A 311 -0.86 22.06 19.30
CA VAL A 311 -1.65 22.19 18.08
C VAL A 311 -1.55 20.84 17.37
N VAL A 312 -2.69 20.22 17.13
CA VAL A 312 -2.78 18.95 16.40
C VAL A 312 -3.36 19.24 15.03
N GLY A 313 -2.66 18.80 13.99
CA GLY A 313 -3.14 18.96 12.63
C GLY A 313 -3.22 17.61 11.94
N GLY A 314 -4.20 17.48 11.05
CA GLY A 314 -4.35 16.29 10.24
C GLY A 314 -4.84 16.66 8.86
N ILE A 315 -4.64 15.76 7.92
CA ILE A 315 -4.88 16.03 6.50
C ILE A 315 -6.03 15.17 6.02
N THR A 316 -6.97 15.79 5.29
CA THR A 316 -8.19 15.10 4.90
C THR A 316 -7.91 13.84 4.10
N SER A 317 -6.94 13.88 3.17
CA SER A 317 -6.73 12.79 2.24
C SER A 317 -5.61 11.85 2.64
N ASP A 318 -5.08 11.99 3.84
CA ASP A 318 -3.95 11.18 4.31
C ASP A 318 -4.36 9.72 4.45
N ARG A 319 -3.64 8.83 3.77
CA ARG A 319 -3.92 7.40 3.77
C ARG A 319 -3.01 6.62 4.70
N LEU A 320 -1.93 7.22 5.19
CA LEU A 320 -0.99 6.55 6.06
C LEU A 320 -1.27 6.84 7.53
N TYR A 321 -1.55 8.10 7.85
CA TYR A 321 -1.94 8.52 9.20
C TYR A 321 -3.30 9.19 9.07
N PRO A 322 -4.37 8.40 8.93
CA PRO A 322 -5.68 8.97 8.64
C PRO A 322 -6.17 9.88 9.76
N LEU A 323 -7.11 10.73 9.38
CA LEU A 323 -7.61 11.79 10.25
C LEU A 323 -8.11 11.27 11.60
N ARG A 324 -8.68 10.05 11.64
CA ARG A 324 -9.17 9.52 12.90
C ARG A 324 -8.08 9.49 13.96
N LEU A 325 -6.83 9.32 13.56
CA LEU A 325 -5.72 9.29 14.52
C LEU A 325 -5.49 10.66 15.15
N GLN A 326 -5.60 11.72 14.36
CA GLN A 326 -5.43 13.05 14.90
C GLN A 326 -6.66 13.50 15.66
N GLU A 327 -7.84 13.02 15.29
CA GLU A 327 -9.02 13.26 16.11
C GLU A 327 -8.81 12.71 17.51
N GLU A 328 -8.23 11.51 17.62
CA GLU A 328 -7.93 10.93 18.92
C GLU A 328 -6.93 11.79 19.71
N LEU A 329 -5.82 12.18 19.07
CA LEU A 329 -4.87 13.06 19.74
C LEU A 329 -5.53 14.35 20.21
N ALA A 330 -6.32 14.98 19.36
CA ALA A 330 -6.90 16.27 19.72
C ALA A 330 -7.87 16.12 20.88
N ASP A 331 -8.58 14.99 20.93
CA ASP A 331 -9.53 14.77 22.01
C ASP A 331 -8.83 14.50 23.33
N LEU A 332 -7.78 13.68 23.33
CA LEU A 332 -7.22 13.23 24.60
C LEU A 332 -6.20 14.19 25.20
N LEU A 333 -5.48 14.94 24.38
CA LEU A 333 -4.52 15.90 24.94
C LEU A 333 -5.28 17.07 25.54
N PRO A 334 -5.13 17.36 26.83
CA PRO A 334 -5.88 18.50 27.40
C PRO A 334 -5.43 19.83 26.84
N GLY A 335 -4.21 19.93 26.33
CA GLY A 335 -3.70 21.13 25.74
C GLY A 335 -4.11 21.40 24.31
N CYS A 336 -4.94 20.55 23.71
CA CYS A 336 -5.47 20.75 22.37
C CYS A 336 -6.93 21.15 22.49
N THR A 337 -7.29 22.29 21.91
CA THR A 337 -8.67 22.78 21.93
C THR A 337 -9.50 22.26 20.77
N GLY A 338 -8.88 21.56 19.82
CA GLY A 338 -9.61 21.01 18.70
C GLY A 338 -8.73 20.79 17.50
N LEU A 339 -9.02 19.74 16.75
CA LEU A 339 -8.21 19.38 15.59
C LEU A 339 -8.23 20.47 14.53
N ARG A 340 -7.05 20.77 14.00
CA ARG A 340 -6.92 21.62 12.82
C ARG A 340 -6.86 20.71 11.61
N VAL A 341 -7.81 20.86 10.69
CA VAL A 341 -7.92 20.01 9.52
C VAL A 341 -7.32 20.75 8.34
N VAL A 342 -6.32 20.14 7.72
CA VAL A 342 -5.72 20.66 6.50
C VAL A 342 -6.44 20.01 5.33
N GLU A 343 -7.11 20.83 4.53
CA GLU A 343 -7.78 20.36 3.33
C GLU A 343 -6.79 20.28 2.19
N SER A 344 -6.57 19.09 1.67
CA SER A 344 -5.58 18.92 0.61
C SER A 344 -5.89 17.65 -0.16
N VAL A 345 -5.56 17.67 -1.45
CA VAL A 345 -5.63 16.46 -2.27
C VAL A 345 -4.38 15.60 -2.13
N HIS A 346 -3.34 16.11 -1.50
CA HIS A 346 -1.99 15.55 -1.64
C HIS A 346 -1.67 14.46 -0.63
N GLY A 347 -2.65 14.01 0.15
CA GLY A 347 -2.34 12.95 1.08
C GLY A 347 -1.38 13.39 2.17
N HIS A 348 -0.70 12.40 2.71
CA HIS A 348 0.24 12.65 3.80
C HIS A 348 1.26 13.71 3.40
N ASP A 349 1.67 13.73 2.13
CA ASP A 349 2.68 14.67 1.68
C ASP A 349 2.20 16.12 1.72
N ALA A 350 0.92 16.35 2.00
CA ALA A 350 0.45 17.72 2.20
C ALA A 350 1.23 18.45 3.27
N PHE A 351 1.79 17.74 4.27
CA PHE A 351 2.49 18.46 5.32
C PHE A 351 3.76 19.11 4.81
N LEU A 352 4.24 18.70 3.63
CA LEU A 352 5.37 19.32 2.96
C LEU A 352 4.96 20.25 1.82
N ILE A 353 3.75 20.12 1.31
CA ILE A 353 3.30 20.84 0.13
C ILE A 353 2.44 22.04 0.48
N GLU A 354 1.61 21.93 1.51
CA GLU A 354 0.60 22.94 1.81
C GLU A 354 1.21 24.04 2.69
N PHE A 355 2.04 24.86 2.05
CA PHE A 355 2.86 25.82 2.78
C PHE A 355 2.01 26.79 3.58
N ASP A 356 0.97 27.36 2.97
CA ASP A 356 0.16 28.33 3.69
C ASP A 356 -0.50 27.70 4.90
N ALA A 357 -1.04 26.49 4.75
CA ALA A 357 -1.72 25.83 5.85
C ALA A 357 -0.75 25.46 6.97
N VAL A 358 0.41 24.93 6.61
CA VAL A 358 1.39 24.52 7.62
C VAL A 358 1.98 25.75 8.31
N SER A 359 2.27 26.80 7.55
CA SER A 359 2.74 28.06 8.15
C SER A 359 1.77 28.53 9.23
N GLU A 360 0.47 28.44 8.96
CA GLU A 360 -0.51 28.90 9.93
C GLU A 360 -0.47 28.07 11.20
N LEU A 361 -0.32 26.74 11.07
CA LEU A 361 -0.23 25.88 12.24
C LEU A 361 1.03 26.16 13.05
N VAL A 362 2.16 26.42 12.38
CA VAL A 362 3.37 26.75 13.10
C VAL A 362 3.22 28.08 13.83
N ARG A 363 2.63 29.08 13.19
CA ARG A 363 2.42 30.36 13.87
C ARG A 363 1.53 30.20 15.09
N GLU A 364 0.45 29.42 14.96
CA GLU A 364 -0.43 29.18 16.09
C GLU A 364 0.33 28.54 17.24
N THR A 365 1.21 27.58 16.94
CA THR A 365 1.98 26.91 17.99
C THR A 365 2.89 27.90 18.70
N LEU A 366 3.60 28.72 17.95
CA LEU A 366 4.57 29.61 18.59
C LEU A 366 3.88 30.68 19.40
N ALA A 367 2.65 31.06 19.02
CA ALA A 367 1.87 31.96 19.85
C ALA A 367 1.52 31.34 21.19
N LEU A 368 1.34 30.02 21.25
CA LEU A 368 1.10 29.34 22.52
C LEU A 368 2.35 29.28 23.37
N ALA A 369 3.54 29.34 22.76
CA ALA A 369 4.79 29.24 23.51
C ALA A 369 5.14 30.56 24.17
N LYS A 370 4.69 31.67 23.61
CA LYS A 370 4.93 32.99 24.18
C LYS A 370 4.27 33.12 25.56
N GLY B 1 -21.69 -32.96 -30.94
CA GLY B 1 -22.54 -32.08 -30.18
C GLY B 1 -21.78 -31.34 -29.09
N ALA B 2 -22.51 -30.72 -28.17
CA ALA B 2 -21.87 -29.94 -27.13
C ALA B 2 -21.15 -30.84 -26.13
N MET B 3 -20.07 -30.30 -25.58
CA MET B 3 -19.41 -30.95 -24.45
C MET B 3 -20.33 -30.92 -23.24
N ALA B 4 -20.29 -31.99 -22.45
CA ALA B 4 -21.10 -32.04 -21.25
C ALA B 4 -20.51 -31.18 -20.14
N LEU B 5 -21.40 -30.59 -19.34
CA LEU B 5 -20.97 -29.83 -18.19
C LEU B 5 -20.44 -30.77 -17.10
N PRO B 6 -19.37 -30.40 -16.41
CA PRO B 6 -18.97 -31.13 -15.22
C PRO B 6 -19.89 -30.77 -14.06
N GLN B 7 -19.73 -31.49 -12.95
CA GLN B 7 -20.50 -31.16 -11.76
C GLN B 7 -19.61 -31.19 -10.52
N GLY B 8 -19.83 -30.23 -9.63
CA GLY B 8 -19.19 -30.29 -8.32
C GLY B 8 -17.72 -29.97 -8.42
N ASP B 9 -16.90 -30.80 -7.75
CA ASP B 9 -15.47 -30.58 -7.73
C ASP B 9 -14.79 -30.92 -9.05
N GLU B 10 -15.49 -31.58 -9.97
CA GLU B 10 -14.92 -32.01 -11.24
C GLU B 10 -14.59 -30.82 -12.12
N ILE B 11 -13.38 -30.78 -12.67
CA ILE B 11 -13.02 -29.76 -13.65
C ILE B 11 -13.13 -30.36 -15.05
N ALA B 12 -13.83 -29.66 -15.94
CA ALA B 12 -13.83 -29.97 -17.36
C ALA B 12 -12.85 -29.06 -18.06
N TYR B 13 -12.10 -29.61 -19.01
CA TYR B 13 -11.15 -28.84 -19.80
C TYR B 13 -11.73 -28.68 -21.19
N VAL B 14 -12.13 -27.45 -21.52
CA VAL B 14 -12.88 -27.15 -22.73
C VAL B 14 -11.92 -26.57 -23.77
N PRO B 15 -11.60 -27.28 -24.83
CA PRO B 15 -10.79 -26.69 -25.90
C PRO B 15 -11.61 -25.66 -26.68
N ILE B 16 -11.01 -24.50 -26.94
CA ILE B 16 -11.67 -23.49 -27.72
C ILE B 16 -10.87 -23.10 -28.96
N GLY B 17 -9.78 -23.80 -29.22
CA GLY B 17 -8.98 -23.54 -30.40
C GLY B 17 -8.09 -22.33 -30.23
N SER B 18 -7.69 -21.77 -31.36
CA SER B 18 -6.84 -20.59 -31.36
C SER B 18 -7.72 -19.35 -31.23
N ILE B 19 -7.24 -18.36 -30.48
CA ILE B 19 -8.03 -17.17 -30.22
C ILE B 19 -7.24 -15.93 -30.62
N THR B 20 -7.94 -14.96 -31.19
CA THR B 20 -7.33 -13.69 -31.56
C THR B 20 -7.58 -12.69 -30.45
N LEU B 21 -6.50 -12.09 -29.95
CA LEU B 21 -6.60 -11.17 -28.82
C LEU B 21 -6.92 -9.76 -29.31
N GLU B 22 -7.28 -8.91 -28.34
CA GLU B 22 -7.57 -7.52 -28.64
C GLU B 22 -6.39 -6.86 -29.34
N SER B 23 -5.17 -7.24 -28.97
CA SER B 23 -3.96 -6.72 -29.58
C SER B 23 -3.78 -7.17 -31.02
N GLY B 24 -4.54 -8.15 -31.47
CA GLY B 24 -4.32 -8.77 -32.75
C GLY B 24 -3.43 -10.00 -32.70
N ALA B 25 -2.70 -10.21 -31.61
CA ALA B 25 -1.93 -11.44 -31.43
C ALA B 25 -2.87 -12.63 -31.28
N VAL B 26 -2.32 -13.84 -31.51
CA VAL B 26 -3.08 -15.09 -31.45
C VAL B 26 -2.45 -15.99 -30.40
N ILE B 27 -3.29 -16.67 -29.62
CA ILE B 27 -2.86 -17.75 -28.72
C ILE B 27 -3.37 -19.05 -29.31
N ASP B 28 -2.47 -19.98 -29.60
CA ASP B 28 -2.92 -21.23 -30.18
C ASP B 28 -3.38 -22.21 -29.11
N ASP B 29 -4.36 -23.02 -29.47
CA ASP B 29 -4.73 -24.22 -28.71
C ASP B 29 -5.05 -23.88 -27.26
N VAL B 30 -6.04 -23.01 -27.07
CA VAL B 30 -6.43 -22.60 -25.72
C VAL B 30 -7.40 -23.61 -25.14
N THR B 31 -7.24 -23.90 -23.86
CA THR B 31 -8.14 -24.76 -23.11
C THR B 31 -8.64 -23.98 -21.91
N ILE B 32 -9.94 -24.06 -21.64
CA ILE B 32 -10.57 -23.34 -20.54
C ILE B 32 -11.06 -24.36 -19.51
N ALA B 33 -10.60 -24.22 -18.27
CA ALA B 33 -11.10 -25.05 -17.18
C ALA B 33 -12.45 -24.51 -16.70
N VAL B 34 -13.42 -25.42 -16.54
CA VAL B 34 -14.79 -25.06 -16.20
C VAL B 34 -15.28 -25.94 -15.05
N GLN B 35 -16.05 -25.36 -14.14
CA GLN B 35 -16.80 -26.09 -13.14
C GLN B 35 -18.25 -25.63 -13.17
N SER B 36 -19.16 -26.48 -12.70
CA SER B 36 -20.58 -26.14 -12.72
C SER B 36 -21.29 -26.83 -11.57
N TRP B 37 -22.37 -26.19 -11.12
CA TRP B 37 -23.23 -26.69 -10.04
C TRP B 37 -24.68 -26.44 -10.41
N GLY B 38 -25.51 -27.47 -10.27
CA GLY B 38 -26.91 -27.33 -10.64
C GLY B 38 -27.17 -27.78 -12.06
N GLU B 39 -28.43 -28.14 -12.33
CA GLU B 39 -28.77 -28.68 -13.64
C GLU B 39 -29.02 -27.58 -14.65
N LEU B 40 -28.45 -27.76 -15.84
CA LEU B 40 -28.73 -26.87 -16.95
C LEU B 40 -30.16 -27.11 -17.42
N SER B 41 -30.94 -26.05 -17.59
CA SER B 41 -32.32 -26.24 -18.00
C SER B 41 -32.38 -26.70 -19.46
N PRO B 42 -33.49 -27.32 -19.87
CA PRO B 42 -33.59 -27.76 -21.27
C PRO B 42 -33.31 -26.68 -22.29
N ARG B 43 -33.82 -25.47 -22.07
CA ARG B 43 -33.59 -24.40 -23.02
C ARG B 43 -32.29 -23.66 -22.75
N ARG B 44 -31.49 -24.14 -21.79
CA ARG B 44 -30.13 -23.69 -21.58
C ARG B 44 -30.08 -22.22 -21.20
N ASP B 45 -31.12 -21.74 -20.51
CA ASP B 45 -31.30 -20.33 -20.24
C ASP B 45 -31.28 -19.99 -18.75
N ASN B 46 -30.70 -20.87 -17.92
CA ASN B 46 -30.69 -20.63 -16.48
C ASN B 46 -29.25 -20.55 -15.95
N VAL B 47 -28.31 -20.16 -16.80
CA VAL B 47 -26.90 -20.13 -16.40
C VAL B 47 -26.61 -18.85 -15.66
N VAL B 48 -25.97 -18.99 -14.50
CA VAL B 48 -25.42 -17.87 -13.74
C VAL B 48 -23.91 -18.04 -13.81
N PHE B 49 -23.25 -17.14 -14.51
CA PHE B 49 -21.82 -17.25 -14.72
C PHE B 49 -21.12 -16.43 -13.65
N VAL B 50 -20.21 -17.08 -12.92
CA VAL B 50 -19.47 -16.46 -11.83
C VAL B 50 -18.05 -16.20 -12.30
N CYS B 51 -17.67 -14.92 -12.29
CA CYS B 51 -16.34 -14.47 -12.66
C CYS B 51 -15.48 -14.33 -11.41
N HIS B 52 -14.41 -15.12 -11.32
CA HIS B 52 -13.56 -15.08 -10.15
C HIS B 52 -12.57 -13.91 -10.24
N ALA B 53 -12.01 -13.55 -9.08
CA ALA B 53 -11.13 -12.40 -8.97
C ALA B 53 -9.67 -12.83 -9.19
N LEU B 54 -8.75 -11.88 -8.95
CA LEU B 54 -7.39 -12.02 -9.46
C LEU B 54 -6.74 -13.34 -9.08
N THR B 55 -6.83 -13.73 -7.81
CA THR B 55 -6.10 -14.90 -7.34
C THR B 55 -7.01 -16.08 -7.01
N ALA B 56 -8.27 -16.02 -7.42
CA ALA B 56 -9.20 -17.13 -7.20
C ALA B 56 -9.22 -18.01 -8.46
N ASP B 57 -10.20 -18.91 -8.55
CA ASP B 57 -10.20 -19.91 -9.61
C ASP B 57 -11.65 -20.37 -9.83
N SER B 58 -11.81 -21.48 -10.58
CA SER B 58 -13.16 -21.92 -10.91
C SER B 58 -13.87 -22.59 -9.73
N HIS B 59 -13.17 -22.83 -8.62
CA HIS B 59 -13.70 -23.61 -7.51
C HIS B 59 -14.43 -22.64 -6.57
N VAL B 60 -15.65 -22.27 -6.96
CA VAL B 60 -16.41 -21.26 -6.22
C VAL B 60 -16.89 -21.82 -4.88
N VAL B 61 -17.33 -23.07 -4.86
CA VAL B 61 -17.74 -23.76 -3.65
C VAL B 61 -17.12 -25.15 -3.66
N GLY B 62 -16.92 -25.69 -2.47
CA GLY B 62 -16.46 -27.05 -2.32
C GLY B 62 -15.23 -27.16 -1.44
N PRO B 63 -14.86 -28.39 -1.13
CA PRO B 63 -13.69 -28.63 -0.28
C PRO B 63 -12.39 -28.53 -1.07
N ALA B 64 -11.31 -28.32 -0.33
CA ALA B 64 -9.98 -28.50 -0.87
C ALA B 64 -9.71 -29.98 -1.13
N GLY B 65 -8.79 -30.26 -2.04
CA GLY B 65 -8.50 -31.61 -2.44
C GLY B 65 -7.31 -31.69 -3.38
N PRO B 66 -7.02 -32.89 -3.88
CA PRO B 66 -5.87 -33.02 -4.80
C PRO B 66 -6.06 -32.25 -6.09
N ASP B 67 -7.29 -31.97 -6.49
CA ASP B 67 -7.58 -31.14 -7.66
C ASP B 67 -7.79 -29.68 -7.32
N HIS B 68 -7.80 -29.33 -6.03
CA HIS B 68 -8.19 -27.99 -5.59
C HIS B 68 -7.33 -27.60 -4.39
N ILE B 69 -6.25 -26.87 -4.66
CA ILE B 69 -5.33 -26.51 -3.60
C ILE B 69 -6.01 -25.64 -2.56
N THR B 70 -7.00 -24.84 -2.98
CA THR B 70 -7.83 -24.06 -2.09
C THR B 70 -9.28 -24.55 -2.15
N GLY B 71 -9.97 -24.47 -1.02
CA GLY B 71 -11.40 -24.69 -0.98
C GLY B 71 -12.16 -23.56 -1.67
N GLY B 72 -13.48 -23.73 -1.74
CA GLY B 72 -14.30 -22.78 -2.45
C GLY B 72 -14.15 -21.38 -1.90
N TRP B 73 -14.08 -20.39 -2.79
CA TRP B 73 -13.83 -19.02 -2.35
C TRP B 73 -15.10 -18.23 -2.05
N TRP B 74 -16.26 -18.76 -2.40
CA TRP B 74 -17.55 -18.12 -2.12
C TRP B 74 -18.48 -19.14 -1.47
N GLU B 75 -18.01 -19.75 -0.39
CA GLU B 75 -18.75 -20.81 0.27
C GLU B 75 -20.15 -20.35 0.64
N GLY B 76 -21.12 -21.21 0.34
CA GLY B 76 -22.49 -20.96 0.70
C GLY B 76 -23.27 -20.10 -0.27
N ILE B 77 -22.62 -19.50 -1.27
CA ILE B 77 -23.34 -18.68 -2.22
C ILE B 77 -24.03 -19.54 -3.28
N ILE B 78 -23.49 -20.72 -3.57
CA ILE B 78 -24.04 -21.65 -4.54
C ILE B 78 -24.48 -22.90 -3.78
N GLY B 79 -25.71 -23.34 -4.02
CA GLY B 79 -26.21 -24.54 -3.40
C GLY B 79 -27.73 -24.58 -3.37
N PRO B 80 -28.30 -25.66 -2.86
CA PRO B 80 -29.76 -25.72 -2.74
C PRO B 80 -30.26 -24.66 -1.76
N GLY B 81 -31.18 -23.82 -2.22
CA GLY B 81 -31.73 -22.75 -1.41
C GLY B 81 -30.80 -21.57 -1.17
N ALA B 82 -29.60 -21.59 -1.75
CA ALA B 82 -28.65 -20.51 -1.58
C ALA B 82 -29.00 -19.33 -2.50
N ALA B 83 -28.20 -18.27 -2.43
CA ALA B 83 -28.43 -17.11 -3.29
C ALA B 83 -28.45 -17.52 -4.75
N ILE B 84 -27.44 -18.26 -5.20
CA ILE B 84 -27.50 -18.93 -6.50
C ILE B 84 -28.05 -20.31 -6.19
N ASP B 85 -29.38 -20.41 -6.26
CA ASP B 85 -30.10 -21.61 -5.84
C ASP B 85 -30.02 -22.66 -6.93
N THR B 86 -29.25 -23.72 -6.70
CA THR B 86 -29.04 -24.72 -7.73
C THR B 86 -30.26 -25.59 -7.99
N ASP B 87 -31.32 -25.45 -7.21
CA ASP B 87 -32.57 -26.09 -7.57
C ASP B 87 -33.20 -25.45 -8.80
N HIS B 88 -32.75 -24.25 -9.18
CA HIS B 88 -33.36 -23.49 -10.26
C HIS B 88 -32.32 -22.98 -11.27
N TRP B 89 -31.11 -22.70 -10.80
CA TRP B 89 -30.08 -22.11 -11.62
C TRP B 89 -28.92 -23.07 -11.82
N CYS B 90 -28.20 -22.85 -12.91
CA CYS B 90 -27.00 -23.61 -13.24
C CYS B 90 -25.83 -22.65 -13.11
N ALA B 91 -25.06 -22.80 -12.04
CA ALA B 91 -23.89 -21.94 -11.83
C ALA B 91 -22.72 -22.51 -12.61
N VAL B 92 -22.01 -21.63 -13.32
CA VAL B 92 -20.86 -22.01 -14.12
C VAL B 92 -19.74 -21.03 -13.81
N ALA B 93 -18.53 -21.55 -13.67
CA ALA B 93 -17.34 -20.72 -13.48
C ALA B 93 -16.17 -21.31 -14.26
N THR B 94 -15.39 -20.43 -14.87
CA THR B 94 -14.15 -20.82 -15.52
C THR B 94 -12.97 -20.36 -14.69
N ASN B 95 -11.80 -20.91 -14.99
CA ASN B 95 -10.53 -20.29 -14.63
C ASN B 95 -10.18 -19.32 -15.75
N VAL B 96 -9.82 -18.09 -15.37
CA VAL B 96 -9.58 -17.03 -16.34
C VAL B 96 -8.40 -17.38 -17.26
N LEU B 97 -8.49 -16.90 -18.50
CA LEU B 97 -7.37 -16.93 -19.44
C LEU B 97 -6.15 -16.26 -18.83
N GLY B 98 -5.01 -16.95 -18.86
CA GLY B 98 -3.80 -16.50 -18.20
C GLY B 98 -3.64 -17.00 -16.78
N GLY B 99 -4.62 -17.74 -16.27
CA GLY B 99 -4.57 -18.29 -14.94
C GLY B 99 -3.66 -19.50 -14.82
N CYS B 100 -3.65 -20.07 -13.61
CA CYS B 100 -2.77 -21.18 -13.30
C CYS B 100 -3.51 -22.32 -12.62
N ARG B 101 -4.83 -22.36 -12.74
CA ARG B 101 -5.63 -23.41 -12.12
C ARG B 101 -6.44 -24.18 -13.16
N GLY B 102 -5.83 -24.42 -14.32
CA GLY B 102 -6.40 -25.31 -15.32
C GLY B 102 -6.55 -24.71 -16.70
N THR B 103 -6.73 -23.40 -16.77
CA THR B 103 -6.84 -22.72 -18.04
C THR B 103 -5.45 -22.38 -18.58
N THR B 104 -5.35 -22.35 -19.90
CA THR B 104 -4.09 -22.00 -20.54
C THR B 104 -3.51 -20.71 -19.96
N GLY B 105 -2.25 -20.79 -19.55
CA GLY B 105 -1.52 -19.69 -18.99
C GLY B 105 -0.04 -19.97 -19.04
N PRO B 106 0.75 -19.13 -18.38
CA PRO B 106 2.22 -19.28 -18.42
C PRO B 106 2.72 -20.64 -17.98
N THR B 107 2.03 -21.34 -17.07
CA THR B 107 2.54 -22.65 -16.63
C THR B 107 2.18 -23.77 -17.60
N SER B 108 1.35 -23.50 -18.59
CA SER B 108 0.87 -24.56 -19.48
C SER B 108 1.94 -24.93 -20.49
N LEU B 109 1.89 -26.19 -20.91
CA LEU B 109 2.75 -26.63 -21.99
C LEU B 109 2.27 -26.09 -23.32
N ALA B 110 3.17 -25.45 -24.05
CA ALA B 110 2.85 -24.92 -25.36
C ALA B 110 3.13 -25.99 -26.42
N ARG B 111 2.74 -25.67 -27.67
CA ARG B 111 2.84 -26.60 -28.78
C ARG B 111 4.28 -27.07 -29.02
N ASP B 112 5.27 -26.23 -28.72
CA ASP B 112 6.65 -26.62 -28.95
C ASP B 112 7.24 -27.47 -27.84
N GLY B 113 6.41 -27.96 -26.92
CA GLY B 113 6.90 -28.87 -25.92
C GLY B 113 7.57 -28.22 -24.73
N LYS B 114 7.49 -26.89 -24.62
CA LYS B 114 8.04 -26.13 -23.51
C LYS B 114 6.95 -25.30 -22.84
N PRO B 115 7.08 -24.98 -21.55
CA PRO B 115 6.08 -24.11 -20.92
C PRO B 115 5.94 -22.80 -21.67
N TRP B 116 4.72 -22.27 -21.66
CA TRP B 116 4.48 -20.97 -22.29
C TRP B 116 5.43 -19.91 -21.74
N GLY B 117 5.46 -19.77 -20.42
CA GLY B 117 6.39 -18.85 -19.78
C GLY B 117 6.29 -17.46 -20.37
N SER B 118 7.46 -16.92 -20.72
CA SER B 118 7.59 -15.56 -21.24
C SER B 118 6.94 -15.39 -22.61
N ARG B 119 6.59 -16.47 -23.29
CA ARG B 119 5.90 -16.36 -24.57
C ARG B 119 4.41 -16.10 -24.40
N PHE B 120 3.87 -16.19 -23.20
CA PHE B 120 2.45 -15.99 -23.06
C PHE B 120 2.13 -14.52 -23.33
N PRO B 121 1.19 -14.21 -24.22
CA PRO B 121 0.97 -12.82 -24.59
C PRO B 121 0.18 -12.05 -23.57
N GLU B 122 0.28 -10.73 -23.68
CA GLU B 122 -0.51 -9.82 -22.86
C GLU B 122 -1.99 -9.97 -23.21
N VAL B 123 -2.83 -10.10 -22.20
CA VAL B 123 -4.27 -10.20 -22.43
C VAL B 123 -4.97 -9.05 -21.73
N SER B 124 -6.18 -8.78 -22.19
CA SER B 124 -7.05 -7.79 -21.60
C SER B 124 -8.25 -8.49 -21.00
N VAL B 125 -9.02 -7.72 -20.20
CA VAL B 125 -10.25 -8.25 -19.64
C VAL B 125 -11.20 -8.69 -20.74
N ARG B 126 -11.19 -7.97 -21.87
CA ARG B 126 -12.09 -8.33 -22.96
C ARG B 126 -11.70 -9.67 -23.57
N ASP B 127 -10.39 -9.95 -23.65
CA ASP B 127 -9.94 -11.27 -24.10
C ASP B 127 -10.43 -12.34 -23.15
N GLN B 128 -10.39 -12.06 -21.85
CA GLN B 128 -10.83 -13.03 -20.86
C GLN B 128 -12.32 -13.33 -21.01
N VAL B 129 -13.13 -12.29 -21.19
CA VAL B 129 -14.57 -12.48 -21.43
C VAL B 129 -14.78 -13.34 -22.66
N ASN B 130 -14.10 -13.00 -23.75
CA ASN B 130 -14.39 -13.71 -24.99
C ASN B 130 -13.92 -15.15 -24.92
N ALA B 131 -12.91 -15.46 -24.10
CA ALA B 131 -12.52 -16.86 -23.90
C ALA B 131 -13.60 -17.62 -23.15
N ASP B 132 -14.19 -17.00 -22.13
CA ASP B 132 -15.28 -17.64 -21.38
C ASP B 132 -16.51 -17.85 -22.25
N VAL B 133 -16.88 -16.84 -23.05
CA VAL B 133 -18.00 -16.98 -23.99
C VAL B 133 -17.74 -18.11 -24.97
N ALA B 134 -16.50 -18.25 -25.45
CA ALA B 134 -16.15 -19.33 -26.37
C ALA B 134 -16.26 -20.69 -25.69
N ALA B 135 -15.86 -20.77 -24.43
CA ALA B 135 -15.99 -22.02 -23.69
C ALA B 135 -17.46 -22.39 -23.53
N LEU B 136 -18.29 -21.42 -23.14
CA LEU B 136 -19.72 -21.67 -23.02
C LEU B 136 -20.30 -22.16 -24.35
N ALA B 137 -19.86 -21.58 -25.46
CA ALA B 137 -20.35 -22.01 -26.77
C ALA B 137 -20.03 -23.47 -27.02
N GLN B 138 -18.82 -23.92 -26.64
CA GLN B 138 -18.46 -25.32 -26.79
C GLN B 138 -19.33 -26.22 -25.92
N LEU B 139 -19.86 -25.69 -24.83
CA LEU B 139 -20.78 -26.39 -23.96
C LEU B 139 -22.23 -26.23 -24.41
N GLY B 140 -22.46 -25.60 -25.57
CA GLY B 140 -23.80 -25.44 -26.09
C GLY B 140 -24.60 -24.32 -25.47
N ILE B 141 -23.94 -23.38 -24.79
CA ILE B 141 -24.57 -22.29 -24.07
C ILE B 141 -24.24 -21.00 -24.80
N THR B 142 -25.26 -20.31 -25.28
CA THR B 142 -25.08 -19.10 -26.08
C THR B 142 -25.58 -17.83 -25.37
N GLU B 143 -26.15 -17.96 -24.19
CA GLU B 143 -26.59 -16.81 -23.42
C GLU B 143 -26.49 -17.18 -21.95
N VAL B 144 -26.38 -16.16 -21.10
CA VAL B 144 -26.41 -16.39 -19.66
C VAL B 144 -27.57 -15.60 -19.06
N ALA B 145 -28.17 -16.18 -18.03
CA ALA B 145 -29.17 -15.43 -17.28
C ALA B 145 -28.51 -14.26 -16.55
N ALA B 146 -27.37 -14.51 -15.92
CA ALA B 146 -26.70 -13.47 -15.17
C ALA B 146 -25.21 -13.73 -15.17
N VAL B 147 -24.44 -12.65 -15.10
CA VAL B 147 -23.01 -12.72 -14.90
C VAL B 147 -22.71 -11.93 -13.63
N VAL B 148 -21.94 -12.51 -12.72
CA VAL B 148 -21.68 -11.90 -11.43
C VAL B 148 -20.20 -11.96 -11.12
N GLY B 149 -19.69 -10.90 -10.48
CA GLY B 149 -18.32 -10.94 -10.04
C GLY B 149 -17.98 -9.76 -9.16
N GLY B 150 -16.96 -9.97 -8.34
CA GLY B 150 -16.37 -8.91 -7.56
C GLY B 150 -14.92 -8.70 -7.93
N SER B 151 -14.43 -7.47 -7.77
CA SER B 151 -13.02 -7.15 -7.97
C SER B 151 -12.67 -7.38 -9.44
N MET B 152 -11.55 -8.04 -9.78
CA MET B 152 -11.29 -8.40 -11.18
C MET B 152 -12.47 -9.17 -11.76
N GLY B 153 -13.19 -9.90 -10.91
CA GLY B 153 -14.40 -10.55 -11.37
C GLY B 153 -15.47 -9.56 -11.76
N GLY B 154 -15.50 -8.42 -11.08
CA GLY B 154 -16.44 -7.36 -11.44
C GLY B 154 -16.06 -6.70 -12.75
N ALA B 155 -14.77 -6.57 -13.03
CA ALA B 155 -14.35 -6.03 -14.32
C ALA B 155 -14.79 -6.96 -15.45
N ARG B 156 -14.62 -8.27 -15.26
CA ARG B 156 -15.06 -9.22 -16.25
C ARG B 156 -16.57 -9.16 -16.45
N ALA B 157 -17.33 -9.08 -15.36
CA ALA B 157 -18.79 -9.05 -15.49
C ALA B 157 -19.24 -7.77 -16.17
N LEU B 158 -18.60 -6.65 -15.85
CA LEU B 158 -18.94 -5.39 -16.48
C LEU B 158 -18.64 -5.41 -17.97
N GLU B 159 -17.44 -5.86 -18.36
CA GLU B 159 -17.13 -5.95 -19.78
C GLU B 159 -18.07 -6.92 -20.49
N TRP B 160 -18.44 -8.01 -19.82
CA TRP B 160 -19.33 -8.98 -20.44
C TRP B 160 -20.67 -8.34 -20.77
N ALA B 161 -21.22 -7.58 -19.83
CA ALA B 161 -22.51 -6.91 -20.04
C ALA B 161 -22.41 -5.88 -21.17
N VAL B 162 -21.31 -5.13 -21.20
CA VAL B 162 -21.14 -4.12 -22.25
C VAL B 162 -20.92 -4.77 -23.61
N MET B 163 -20.16 -5.86 -23.64
CA MET B 163 -19.79 -6.51 -24.90
C MET B 163 -20.93 -7.33 -25.50
N HIS B 164 -21.75 -7.95 -24.65
CA HIS B 164 -22.76 -8.91 -25.11
C HIS B 164 -24.09 -8.61 -24.44
N PRO B 165 -24.62 -7.41 -24.61
CA PRO B 165 -25.86 -7.05 -23.89
C PRO B 165 -27.05 -7.88 -24.32
N ASP B 166 -27.04 -8.44 -25.53
CA ASP B 166 -28.18 -9.25 -25.97
C ASP B 166 -28.07 -10.70 -25.50
N ALA B 167 -26.99 -11.06 -24.81
CA ALA B 167 -26.77 -12.43 -24.35
C ALA B 167 -26.61 -12.51 -22.84
N VAL B 168 -27.00 -11.45 -22.12
CA VAL B 168 -26.97 -11.37 -20.65
C VAL B 168 -28.28 -10.74 -20.20
N ARG B 169 -28.99 -11.38 -19.27
CA ARG B 169 -30.22 -10.77 -18.78
C ARG B 169 -30.01 -9.87 -17.58
N ALA B 170 -28.98 -10.09 -16.78
CA ALA B 170 -28.68 -9.23 -15.64
C ALA B 170 -27.22 -9.43 -15.24
N ALA B 171 -26.67 -8.44 -14.53
CA ALA B 171 -25.29 -8.51 -14.07
C ALA B 171 -25.19 -7.98 -12.66
N LEU B 172 -24.26 -8.57 -11.91
CA LEU B 172 -23.83 -8.05 -10.61
C LEU B 172 -22.38 -7.60 -10.75
N VAL B 173 -22.13 -6.32 -10.52
CA VAL B 173 -20.81 -5.73 -10.60
C VAL B 173 -20.48 -5.18 -9.22
N LEU B 174 -19.55 -5.83 -8.52
CA LEU B 174 -19.23 -5.55 -7.13
C LEU B 174 -17.77 -5.10 -7.00
N ALA B 175 -17.55 -3.98 -6.31
CA ALA B 175 -16.22 -3.59 -5.85
C ALA B 175 -15.22 -3.51 -7.01
N VAL B 176 -15.56 -2.74 -8.02
CA VAL B 176 -14.67 -2.48 -9.14
C VAL B 176 -15.02 -1.10 -9.70
N GLY B 177 -14.19 -0.61 -10.62
CA GLY B 177 -14.44 0.64 -11.30
C GLY B 177 -14.56 0.43 -12.81
N ALA B 178 -14.89 1.52 -13.49
CA ALA B 178 -15.05 1.48 -14.95
C ALA B 178 -13.71 1.33 -15.67
N ARG B 179 -12.63 1.77 -15.04
CA ARG B 179 -11.30 1.61 -15.59
C ARG B 179 -10.31 1.54 -14.43
N ALA B 180 -9.13 1.02 -14.72
CA ALA B 180 -8.05 1.04 -13.74
C ALA B 180 -7.74 2.49 -13.36
N THR B 181 -7.47 2.71 -12.07
CA THR B 181 -7.12 4.01 -11.55
C THR B 181 -5.61 4.18 -11.39
N GLY B 182 -5.19 5.43 -11.18
CA GLY B 182 -3.79 5.69 -10.92
C GLY B 182 -3.24 4.95 -9.72
N ASP B 183 -3.96 4.97 -8.61
CA ASP B 183 -3.48 4.26 -7.43
C ASP B 183 -3.40 2.76 -7.68
N GLN B 184 -4.41 2.20 -8.33
CA GLN B 184 -4.38 0.77 -8.62
C GLN B 184 -3.18 0.42 -9.49
N ILE B 185 -2.96 1.17 -10.57
CA ILE B 185 -1.84 0.87 -11.44
C ILE B 185 -0.53 1.07 -10.69
N GLY B 186 -0.50 2.06 -9.80
CA GLY B 186 0.67 2.28 -8.98
C GLY B 186 1.04 1.07 -8.15
N THR B 187 0.10 0.57 -7.36
CA THR B 187 0.43 -0.57 -6.50
C THR B 187 0.65 -1.83 -7.33
N GLN B 188 -0.17 -2.04 -8.37
CA GLN B 188 -0.06 -3.24 -9.19
C GLN B 188 1.26 -3.28 -9.96
N SER B 189 1.70 -2.14 -10.49
CA SER B 189 2.99 -2.12 -11.17
C SER B 189 4.12 -2.38 -10.20
N THR B 190 3.98 -1.94 -8.94
CA THR B 190 5.00 -2.21 -7.94
C THR B 190 5.03 -3.70 -7.58
N GLN B 191 3.86 -4.33 -7.51
CA GLN B 191 3.81 -5.77 -7.28
C GLN B 191 4.49 -6.54 -8.40
N ILE B 192 4.23 -6.14 -9.66
CA ILE B 192 4.90 -6.77 -10.80
C ILE B 192 6.41 -6.58 -10.71
N ALA B 193 6.85 -5.38 -10.33
CA ALA B 193 8.28 -5.13 -10.20
C ALA B 193 8.91 -6.03 -9.15
N ALA B 194 8.22 -6.27 -8.04
CA ALA B 194 8.74 -7.14 -7.00
C ALA B 194 9.00 -8.54 -7.54
N ILE B 195 8.10 -9.03 -8.40
CA ILE B 195 8.27 -10.35 -9.00
C ILE B 195 9.41 -10.34 -10.01
N GLN B 196 9.42 -9.36 -10.92
CA GLN B 196 10.34 -9.38 -12.04
C GLN B 196 11.76 -9.04 -11.64
N THR B 197 11.97 -8.43 -10.47
CA THR B 197 13.32 -8.16 -10.00
C THR B 197 13.88 -9.29 -9.15
N ASP B 198 13.07 -10.28 -8.83
CA ASP B 198 13.57 -11.46 -8.16
C ASP B 198 14.56 -12.19 -9.07
N PRO B 199 15.75 -12.56 -8.58
CA PRO B 199 16.73 -13.21 -9.46
C PRO B 199 16.22 -14.50 -10.11
N ASP B 200 15.29 -15.21 -9.47
CA ASP B 200 14.81 -16.46 -10.05
C ASP B 200 13.66 -16.27 -11.03
N TRP B 201 13.29 -15.04 -11.35
CA TRP B 201 12.27 -14.81 -12.37
C TRP B 201 12.74 -15.29 -13.74
N GLN B 202 14.03 -15.16 -14.04
CA GLN B 202 14.61 -15.74 -15.25
C GLN B 202 13.85 -15.28 -16.50
N GLY B 203 13.50 -14.00 -16.53
CA GLY B 203 12.76 -13.42 -17.64
C GLY B 203 11.36 -13.96 -17.79
N GLY B 204 10.86 -14.69 -16.78
CA GLY B 204 9.58 -15.35 -16.86
C GLY B 204 9.66 -16.79 -17.31
N ASP B 205 10.85 -17.30 -17.61
CA ASP B 205 11.00 -18.68 -18.07
C ASP B 205 11.67 -19.53 -17.00
N TYR B 206 11.16 -19.44 -15.79
CA TYR B 206 11.63 -20.26 -14.68
C TYR B 206 10.93 -21.61 -14.62
N HIS B 207 9.87 -21.78 -15.40
CA HIS B 207 9.03 -22.97 -15.28
C HIS B 207 9.84 -24.20 -15.66
N GLY B 208 9.83 -25.18 -14.76
CA GLY B 208 10.62 -26.38 -14.95
C GLY B 208 12.08 -26.24 -14.61
N SER B 209 12.54 -25.05 -14.21
CA SER B 209 13.95 -24.85 -13.92
C SER B 209 14.37 -25.35 -12.54
N GLY B 210 13.41 -25.68 -11.67
CA GLY B 210 13.71 -25.99 -10.30
C GLY B 210 13.78 -24.77 -9.38
N ARG B 211 13.79 -23.56 -9.94
CA ARG B 211 13.77 -22.32 -9.18
C ARG B 211 12.56 -21.50 -9.59
N SER B 212 12.08 -20.65 -8.68
CA SER B 212 10.95 -19.78 -8.99
C SER B 212 11.08 -18.53 -8.16
N PRO B 213 10.47 -17.43 -8.59
CA PRO B 213 10.61 -16.14 -7.88
C PRO B 213 9.68 -16.03 -6.67
N GLY B 214 9.86 -16.96 -5.73
CA GLY B 214 8.98 -17.00 -4.57
C GLY B 214 9.13 -15.78 -3.67
N LYS B 215 10.35 -15.30 -3.49
CA LYS B 215 10.53 -14.13 -2.61
C LYS B 215 9.81 -12.92 -3.19
N GLY B 216 9.92 -12.72 -4.50
CA GLY B 216 9.22 -11.60 -5.12
C GLY B 216 7.71 -11.77 -5.10
N LEU B 217 7.22 -12.98 -5.33
CA LEU B 217 5.78 -13.19 -5.31
C LEU B 217 5.22 -13.01 -3.92
N ASN B 218 5.97 -13.47 -2.92
CA ASN B 218 5.61 -13.27 -1.52
C ASN B 218 5.44 -11.78 -1.21
N LEU B 219 6.44 -10.97 -1.59
CA LEU B 219 6.35 -9.54 -1.37
C LEU B 219 5.18 -8.93 -2.14
N ALA B 220 4.98 -9.33 -3.39
CA ALA B 220 3.87 -8.80 -4.17
C ALA B 220 2.54 -9.07 -3.48
N ARG B 221 2.36 -10.29 -2.95
CA ARG B 221 1.12 -10.64 -2.28
C ARG B 221 0.93 -9.84 -1.00
N ARG B 222 2.01 -9.59 -0.27
CA ARG B 222 1.89 -8.79 0.95
C ARG B 222 1.47 -7.37 0.63
N ILE B 223 2.05 -6.78 -0.41
CA ILE B 223 1.62 -5.45 -0.86
C ILE B 223 0.13 -5.47 -1.18
N ALA B 224 -0.29 -6.42 -2.00
CA ALA B 224 -1.68 -6.49 -2.41
C ALA B 224 -2.62 -6.72 -1.24
N HIS B 225 -2.23 -7.62 -0.33
CA HIS B 225 -3.14 -8.00 0.75
C HIS B 225 -3.50 -6.79 1.60
N LEU B 226 -2.53 -5.91 1.86
CA LEU B 226 -2.86 -4.68 2.60
C LEU B 226 -3.90 -3.85 1.87
N THR B 227 -3.80 -3.74 0.53
CA THR B 227 -4.78 -2.95 -0.21
C THR B 227 -6.17 -3.57 -0.14
N TYR B 228 -6.26 -4.88 0.15
CA TYR B 228 -7.54 -5.57 0.21
C TYR B 228 -8.25 -5.43 1.55
N ARG B 229 -7.57 -4.96 2.59
CA ARG B 229 -8.16 -4.91 3.92
C ARG B 229 -8.54 -3.48 4.28
N GLY B 230 -9.32 -3.36 5.34
CA GLY B 230 -9.72 -2.06 5.85
C GLY B 230 -8.70 -1.55 6.87
N GLU B 231 -8.49 -0.24 6.86
CA GLU B 231 -7.51 0.36 7.77
C GLU B 231 -7.92 0.17 9.22
N VAL B 232 -9.19 0.44 9.53
CA VAL B 232 -9.62 0.36 10.92
C VAL B 232 -9.55 -1.07 11.42
N GLU B 233 -10.01 -2.03 10.62
CA GLU B 233 -10.00 -3.43 11.05
C GLU B 233 -8.60 -3.91 11.37
N LEU B 234 -7.60 -3.48 10.59
CA LEU B 234 -6.23 -3.89 10.89
C LEU B 234 -5.79 -3.34 12.24
N ASP B 235 -6.27 -2.16 12.60
CA ASP B 235 -5.85 -1.61 13.87
C ASP B 235 -6.62 -2.20 15.03
N THR B 236 -7.87 -2.62 14.83
CA THR B 236 -8.61 -3.24 15.92
C THR B 236 -8.21 -4.70 16.09
N ARG B 237 -7.95 -5.41 14.99
CA ARG B 237 -7.56 -6.82 15.10
C ARG B 237 -6.13 -6.97 15.59
N PHE B 238 -5.20 -6.21 15.02
CA PHE B 238 -3.78 -6.35 15.32
C PHE B 238 -3.22 -5.15 16.08
N GLY B 239 -3.54 -3.94 15.65
CA GLY B 239 -2.89 -2.76 16.19
C GLY B 239 -1.40 -2.95 16.16
N ASN B 240 -0.73 -2.49 17.23
CA ASN B 240 0.69 -2.74 17.40
C ASN B 240 0.97 -3.87 18.40
N ASP B 241 0.01 -4.78 18.57
CA ASP B 241 0.22 -5.90 19.48
C ASP B 241 1.34 -6.81 18.98
N PRO B 242 2.08 -7.42 19.90
CA PRO B 242 2.98 -8.50 19.51
C PRO B 242 2.19 -9.75 19.12
N GLN B 243 2.81 -10.57 18.29
CA GLN B 243 2.26 -11.90 18.02
C GLN B 243 2.14 -12.68 19.32
N VAL B 244 1.00 -13.33 19.52
CA VAL B 244 0.78 -14.12 20.72
C VAL B 244 1.00 -15.59 20.35
N GLY B 245 1.95 -16.21 21.02
CA GLY B 245 2.22 -17.61 20.82
C GLY B 245 1.46 -18.44 21.82
N PRO B 246 1.65 -19.77 21.75
CA PRO B 246 0.85 -20.65 22.63
C PRO B 246 0.95 -20.29 24.09
N ASP B 247 2.16 -20.00 24.58
CA ASP B 247 2.40 -19.77 25.99
C ASP B 247 2.70 -18.30 26.31
N GLY B 248 2.36 -17.38 25.42
CA GLY B 248 2.50 -15.97 25.70
C GLY B 248 2.98 -15.14 24.51
N PRO B 249 3.10 -13.82 24.71
CA PRO B 249 3.45 -12.94 23.59
C PRO B 249 4.92 -13.04 23.19
N GLU B 250 5.17 -12.85 21.90
CA GLU B 250 6.53 -12.70 21.42
C GLU B 250 7.05 -11.32 21.81
N ASP B 251 8.36 -11.13 21.63
CA ASP B 251 9.00 -9.83 21.90
C ASP B 251 9.46 -9.22 20.59
N PRO B 252 8.73 -8.26 20.03
CA PRO B 252 9.16 -7.67 18.76
C PRO B 252 10.47 -6.93 18.83
N TRP B 253 10.98 -6.61 20.02
CA TRP B 253 12.28 -5.94 20.12
C TRP B 253 13.43 -6.92 20.10
N ALA B 254 13.15 -8.21 20.19
CA ALA B 254 14.17 -9.24 20.09
C ALA B 254 13.89 -10.03 18.81
N ASP B 255 13.62 -11.32 18.95
CA ASP B 255 13.40 -12.20 17.80
C ASP B 255 11.94 -12.25 17.37
N GLY B 256 11.03 -11.63 18.11
CA GLY B 256 9.61 -11.78 17.86
C GLY B 256 9.09 -10.84 16.80
N ARG B 257 7.81 -10.99 16.51
CA ARG B 257 7.14 -10.26 15.45
C ARG B 257 5.94 -9.51 16.02
N TYR B 258 5.55 -8.44 15.34
CA TYR B 258 4.24 -7.87 15.56
C TYR B 258 3.18 -8.80 14.99
N ALA B 259 1.99 -8.74 15.56
CA ALA B 259 0.90 -9.61 15.11
C ALA B 259 0.54 -9.37 13.64
N VAL B 260 0.49 -8.12 13.20
CA VAL B 260 0.16 -7.86 11.81
C VAL B 260 1.29 -8.33 10.90
N GLN B 261 2.52 -8.26 11.39
CA GLN B 261 3.67 -8.72 10.60
C GLN B 261 3.62 -10.23 10.40
N SER B 262 3.33 -10.96 11.48
CA SER B 262 3.21 -12.41 11.40
C SER B 262 2.07 -12.82 10.46
N TYR B 263 0.96 -12.08 10.54
CA TYR B 263 -0.19 -12.33 9.67
C TYR B 263 0.20 -12.17 8.19
N LEU B 264 0.88 -11.08 7.86
CA LEU B 264 1.24 -10.85 6.46
C LEU B 264 2.27 -11.85 5.97
N GLU B 265 3.25 -12.18 6.80
CA GLU B 265 4.25 -13.17 6.44
C GLU B 265 3.59 -14.51 6.16
N HIS B 266 2.62 -14.89 6.99
CA HIS B 266 1.93 -16.15 6.79
C HIS B 266 1.11 -16.14 5.51
N GLN B 267 0.39 -15.03 5.25
CA GLN B 267 -0.35 -14.89 4.00
C GLN B 267 0.56 -15.04 2.80
N GLY B 268 1.71 -14.35 2.83
CA GLY B 268 2.64 -14.43 1.72
C GLY B 268 3.19 -15.83 1.53
N ASN B 269 3.56 -16.49 2.63
CA ASN B 269 4.11 -17.83 2.52
C ASN B 269 3.09 -18.81 1.94
N LYS B 270 1.84 -18.76 2.42
CA LYS B 270 0.81 -19.67 1.93
C LYS B 270 0.54 -19.43 0.45
N PHE B 271 0.53 -18.16 0.05
CA PHE B 271 0.19 -17.80 -1.32
C PHE B 271 1.19 -18.37 -2.29
N VAL B 272 2.49 -18.31 -1.96
CA VAL B 272 3.52 -18.77 -2.88
C VAL B 272 3.39 -20.27 -3.12
N ARG B 273 2.82 -20.99 -2.15
CA ARG B 273 2.61 -22.43 -2.32
C ARG B 273 1.41 -22.75 -3.21
N ARG B 274 0.58 -21.75 -3.52
CA ARG B 274 -0.70 -21.98 -4.18
C ARG B 274 -0.84 -21.26 -5.52
N PHE B 275 0.07 -20.38 -5.90
CA PHE B 275 -0.15 -19.53 -7.07
C PHE B 275 1.14 -19.34 -7.84
N ASP B 276 1.01 -19.14 -9.16
CA ASP B 276 2.16 -19.00 -10.06
C ASP B 276 2.50 -17.53 -10.30
N ALA B 277 3.78 -17.21 -10.21
CA ALA B 277 4.23 -15.82 -10.37
C ALA B 277 3.97 -15.28 -11.77
N GLY B 278 4.23 -16.08 -12.80
CA GLY B 278 3.97 -15.62 -14.15
C GLY B 278 2.50 -15.32 -14.41
N SER B 279 1.61 -16.19 -13.93
CA SER B 279 0.18 -15.89 -14.01
C SER B 279 -0.16 -14.63 -13.25
N TYR B 280 0.43 -14.44 -12.06
CA TYR B 280 0.15 -13.22 -11.30
C TYR B 280 0.49 -11.98 -12.11
N VAL B 281 1.61 -12.01 -12.84
CA VAL B 281 2.02 -10.87 -13.65
C VAL B 281 1.05 -10.67 -14.80
N ILE B 282 0.71 -11.74 -15.53
CA ILE B 282 -0.19 -11.63 -16.69
C ILE B 282 -1.54 -11.08 -16.24
N LEU B 283 -2.08 -11.62 -15.14
CA LEU B 283 -3.41 -11.21 -14.71
C LEU B 283 -3.39 -9.79 -14.14
N THR B 284 -2.32 -9.43 -13.44
CA THR B 284 -2.22 -8.06 -12.94
C THR B 284 -2.10 -7.08 -14.10
N GLU B 285 -1.33 -7.42 -15.14
CA GLU B 285 -1.26 -6.56 -16.32
C GLU B 285 -2.62 -6.42 -16.98
N SER B 286 -3.42 -7.49 -17.01
CA SER B 286 -4.77 -7.37 -17.58
C SER B 286 -5.61 -6.41 -16.76
N LEU B 287 -5.44 -6.40 -15.44
CA LEU B 287 -6.17 -5.44 -14.61
C LEU B 287 -5.71 -4.02 -14.88
N ASN B 288 -4.40 -3.82 -15.06
CA ASN B 288 -3.90 -2.47 -15.36
C ASN B 288 -4.51 -1.92 -16.63
N ARG B 289 -4.83 -2.78 -17.61
CA ARG B 289 -5.42 -2.29 -18.86
C ARG B 289 -6.95 -2.45 -18.89
N HIS B 290 -7.58 -2.60 -17.72
CA HIS B 290 -9.03 -2.53 -17.65
C HIS B 290 -9.50 -1.12 -17.97
N ASP B 291 -10.42 -1.01 -18.94
CA ASP B 291 -10.94 0.29 -19.37
C ASP B 291 -12.13 0.06 -20.27
N VAL B 292 -13.33 0.19 -19.71
CA VAL B 292 -14.54 -0.11 -20.47
C VAL B 292 -14.78 0.89 -21.58
N GLY B 293 -14.10 2.03 -21.55
CA GLY B 293 -14.26 3.05 -22.58
C GLY B 293 -13.37 2.89 -23.79
N ARG B 294 -12.35 2.04 -23.73
CA ARG B 294 -11.39 1.93 -24.81
C ARG B 294 -12.07 1.47 -26.09
N GLY B 295 -11.84 2.20 -27.18
CA GLY B 295 -12.43 1.83 -28.45
C GLY B 295 -13.92 2.10 -28.54
N ARG B 296 -14.49 2.75 -27.53
CA ARG B 296 -15.94 2.92 -27.45
C ARG B 296 -16.33 4.37 -27.21
N GLY B 297 -15.39 5.31 -27.29
CA GLY B 297 -15.68 6.70 -27.05
C GLY B 297 -15.59 7.14 -25.61
N GLY B 298 -14.95 6.36 -24.74
CA GLY B 298 -14.80 6.74 -23.35
C GLY B 298 -15.78 6.03 -22.45
N VAL B 299 -15.51 6.14 -21.15
CA VAL B 299 -16.26 5.39 -20.15
C VAL B 299 -17.73 5.80 -20.18
N GLU B 300 -18.01 7.10 -20.24
CA GLU B 300 -19.40 7.53 -20.14
C GLU B 300 -20.22 7.01 -21.30
N LYS B 301 -19.70 7.14 -22.52
CA LYS B 301 -20.43 6.67 -23.69
C LYS B 301 -20.65 5.16 -23.62
N ALA B 302 -19.61 4.41 -23.24
CA ALA B 302 -19.74 2.95 -23.17
C ALA B 302 -20.81 2.55 -22.16
N LEU B 303 -20.79 3.17 -20.98
CA LEU B 303 -21.71 2.76 -19.93
C LEU B 303 -23.12 3.25 -20.22
N ARG B 304 -23.26 4.50 -20.67
CA ARG B 304 -24.61 4.98 -21.01
C ARG B 304 -25.23 4.15 -22.12
N GLY B 305 -24.41 3.53 -22.98
CA GLY B 305 -24.93 2.75 -24.08
C GLY B 305 -25.24 1.31 -23.76
N CYS B 306 -25.06 0.86 -22.51
CA CYS B 306 -25.30 -0.53 -22.12
C CYS B 306 -26.66 -0.66 -21.45
N PRO B 307 -27.62 -1.38 -22.01
CA PRO B 307 -28.97 -1.44 -21.42
C PRO B 307 -29.19 -2.54 -20.39
N VAL B 308 -28.17 -3.34 -20.09
CA VAL B 308 -28.36 -4.52 -19.24
C VAL B 308 -28.79 -4.09 -17.83
N PRO B 309 -29.79 -4.73 -17.22
CA PRO B 309 -30.06 -4.49 -15.79
C PRO B 309 -28.88 -4.93 -14.94
N VAL B 310 -28.43 -4.04 -14.07
CA VAL B 310 -27.18 -4.27 -13.33
C VAL B 310 -27.36 -3.85 -11.89
N VAL B 311 -26.91 -4.71 -10.98
CA VAL B 311 -26.77 -4.37 -9.56
C VAL B 311 -25.31 -4.00 -9.36
N VAL B 312 -25.07 -2.79 -8.88
CA VAL B 312 -23.74 -2.29 -8.59
C VAL B 312 -23.62 -2.19 -7.08
N GLY B 313 -22.59 -2.84 -6.54
CA GLY B 313 -22.33 -2.78 -5.11
C GLY B 313 -20.93 -2.25 -4.85
N GLY B 314 -20.80 -1.51 -3.76
CA GLY B 314 -19.49 -1.08 -3.29
C GLY B 314 -19.43 -1.15 -1.78
N ILE B 315 -18.20 -1.11 -1.27
CA ILE B 315 -17.93 -1.36 0.13
C ILE B 315 -17.37 -0.08 0.77
N THR B 316 -17.92 0.26 1.94
CA THR B 316 -17.57 1.53 2.60
C THR B 316 -16.07 1.64 2.89
N SER B 317 -15.43 0.55 3.32
CA SER B 317 -14.04 0.59 3.77
C SER B 317 -13.04 0.16 2.69
N ASP B 318 -13.48 -0.01 1.45
CA ASP B 318 -12.61 -0.48 0.38
C ASP B 318 -11.56 0.57 0.05
N ARG B 319 -10.29 0.21 0.18
CA ARG B 319 -9.18 1.12 -0.10
C ARG B 319 -8.58 0.93 -1.48
N LEU B 320 -8.92 -0.14 -2.18
CA LEU B 320 -8.38 -0.41 -3.50
C LEU B 320 -9.31 0.02 -4.61
N TYR B 321 -10.61 -0.24 -4.45
CA TYR B 321 -11.65 0.21 -5.38
C TYR B 321 -12.62 1.06 -4.57
N PRO B 322 -12.26 2.30 -4.28
CA PRO B 322 -13.09 3.13 -3.40
C PRO B 322 -14.48 3.38 -3.96
N LEU B 323 -15.40 3.65 -3.02
CA LEU B 323 -16.82 3.77 -3.34
C LEU B 323 -17.11 4.78 -4.45
N ARG B 324 -16.32 5.84 -4.58
CA ARG B 324 -16.55 6.80 -5.66
C ARG B 324 -16.59 6.11 -7.03
N LEU B 325 -15.82 5.03 -7.19
CA LEU B 325 -15.81 4.33 -8.47
C LEU B 325 -17.14 3.64 -8.75
N GLN B 326 -17.76 3.06 -7.72
CA GLN B 326 -19.04 2.40 -7.92
C GLN B 326 -20.18 3.42 -8.00
N GLU B 327 -20.04 4.56 -7.32
CA GLU B 327 -20.99 5.66 -7.53
C GLU B 327 -21.04 6.04 -8.99
N GLU B 328 -19.88 6.12 -9.64
CA GLU B 328 -19.83 6.45 -11.07
C GLU B 328 -20.53 5.39 -11.92
N LEU B 329 -20.24 4.11 -11.67
CA LEU B 329 -20.88 3.04 -12.43
C LEU B 329 -22.39 3.08 -12.27
N ALA B 330 -22.87 3.22 -11.03
CA ALA B 330 -24.29 3.19 -10.76
C ALA B 330 -25.00 4.37 -11.42
N ASP B 331 -24.34 5.54 -11.44
CA ASP B 331 -24.92 6.71 -12.08
C ASP B 331 -25.05 6.53 -13.58
N LEU B 332 -24.00 6.01 -14.23
CA LEU B 332 -23.93 6.02 -15.68
C LEU B 332 -24.66 4.84 -16.33
N LEU B 333 -24.68 3.68 -15.70
CA LEU B 333 -25.39 2.54 -16.28
C LEU B 333 -26.89 2.76 -16.20
N PRO B 334 -27.61 2.81 -17.32
CA PRO B 334 -29.04 3.12 -17.24
C PRO B 334 -29.86 2.01 -16.64
N GLY B 335 -29.37 0.77 -16.67
CA GLY B 335 -30.01 -0.37 -16.04
C GLY B 335 -29.74 -0.54 -14.56
N CYS B 336 -28.99 0.37 -13.95
CA CYS B 336 -28.76 0.37 -12.52
C CYS B 336 -29.66 1.41 -11.87
N THR B 337 -30.46 0.99 -10.90
CA THR B 337 -31.39 1.88 -10.24
C THR B 337 -30.78 2.59 -9.04
N GLY B 338 -29.53 2.33 -8.71
CA GLY B 338 -28.90 3.02 -7.60
C GLY B 338 -27.88 2.13 -6.91
N LEU B 339 -26.82 2.77 -6.41
CA LEU B 339 -25.74 2.05 -5.78
C LEU B 339 -26.21 1.32 -4.52
N ARG B 340 -25.81 0.06 -4.38
CA ARG B 340 -25.98 -0.70 -3.16
C ARG B 340 -24.68 -0.60 -2.36
N VAL B 341 -24.75 -0.01 -1.17
CA VAL B 341 -23.57 0.21 -0.35
C VAL B 341 -23.50 -0.89 0.70
N VAL B 342 -22.40 -1.63 0.70
CA VAL B 342 -22.15 -2.67 1.69
C VAL B 342 -21.36 -2.05 2.83
N GLU B 343 -21.98 -2.00 4.01
CA GLU B 343 -21.31 -1.48 5.19
C GLU B 343 -20.51 -2.59 5.82
N SER B 344 -19.19 -2.43 5.83
CA SER B 344 -18.30 -3.46 6.30
C SER B 344 -16.98 -2.82 6.71
N VAL B 345 -16.36 -3.38 7.74
CA VAL B 345 -15.01 -2.97 8.11
C VAL B 345 -13.93 -3.73 7.35
N HIS B 346 -14.31 -4.73 6.53
CA HIS B 346 -13.32 -5.67 6.03
C HIS B 346 -12.68 -5.25 4.71
N GLY B 347 -12.85 -4.00 4.30
CA GLY B 347 -12.20 -3.53 3.09
C GLY B 347 -12.72 -4.22 1.85
N HIS B 348 -11.87 -4.20 0.82
CA HIS B 348 -12.20 -4.84 -0.44
C HIS B 348 -12.60 -6.30 -0.26
N ASP B 349 -11.94 -7.01 0.66
CA ASP B 349 -12.25 -8.41 0.91
C ASP B 349 -13.65 -8.62 1.46
N ALA B 350 -14.42 -7.57 1.76
CA ALA B 350 -15.78 -7.76 2.23
C ALA B 350 -16.62 -8.52 1.22
N PHE B 351 -16.30 -8.43 -0.08
CA PHE B 351 -17.12 -9.14 -1.06
C PHE B 351 -16.94 -10.65 -0.94
N LEU B 352 -15.91 -11.10 -0.23
CA LEU B 352 -15.71 -12.51 0.09
C LEU B 352 -16.16 -12.88 1.50
N ILE B 353 -16.35 -11.90 2.38
CA ILE B 353 -16.56 -12.16 3.80
C ILE B 353 -17.99 -11.89 4.22
N GLU B 354 -18.63 -10.86 3.64
CA GLU B 354 -19.94 -10.40 4.10
C GLU B 354 -21.03 -11.26 3.46
N PHE B 355 -21.21 -12.45 4.02
CA PHE B 355 -22.06 -13.46 3.40
C PHE B 355 -23.49 -12.97 3.21
N ASP B 356 -24.11 -12.43 4.26
CA ASP B 356 -25.49 -11.99 4.14
C ASP B 356 -25.65 -10.87 3.13
N ALA B 357 -24.75 -9.88 3.16
CA ALA B 357 -24.87 -8.74 2.27
C ALA B 357 -24.69 -9.16 0.81
N VAL B 358 -23.68 -9.99 0.55
CA VAL B 358 -23.40 -10.46 -0.81
C VAL B 358 -24.53 -11.37 -1.28
N SER B 359 -25.04 -12.24 -0.40
CA SER B 359 -26.17 -13.08 -0.78
C SER B 359 -27.35 -12.24 -1.21
N GLU B 360 -27.60 -11.13 -0.50
CA GLU B 360 -28.71 -10.26 -0.86
C GLU B 360 -28.50 -9.63 -2.23
N LEU B 361 -27.26 -9.26 -2.55
CA LEU B 361 -26.99 -8.66 -3.85
C LEU B 361 -27.13 -9.68 -4.96
N VAL B 362 -26.68 -10.90 -4.73
CA VAL B 362 -26.84 -11.96 -5.73
C VAL B 362 -28.33 -12.24 -5.95
N ARG B 363 -29.10 -12.35 -4.86
CA ARG B 363 -30.53 -12.61 -5.01
C ARG B 363 -31.22 -11.50 -5.79
N GLU B 364 -30.86 -10.25 -5.51
CA GLU B 364 -31.44 -9.14 -6.25
C GLU B 364 -31.13 -9.25 -7.74
N THR B 365 -29.91 -9.65 -8.08
CA THR B 365 -29.52 -9.78 -9.48
C THR B 365 -30.32 -10.86 -10.18
N LEU B 366 -30.48 -12.01 -9.52
CA LEU B 366 -31.19 -13.11 -10.16
C LEU B 366 -32.68 -12.82 -10.28
N ALA B 367 -33.22 -12.01 -9.36
CA ALA B 367 -34.60 -11.55 -9.50
C ALA B 367 -34.76 -10.69 -10.75
N LEU B 368 -33.76 -9.86 -11.07
CA LEU B 368 -33.80 -9.08 -12.29
C LEU B 368 -33.72 -9.95 -13.52
N ALA B 369 -33.07 -11.11 -13.42
CA ALA B 369 -32.96 -12.01 -14.55
C ALA B 369 -34.25 -12.82 -14.69
#